data_3M8A
#
_entry.id   3M8A
#
_cell.length_a   60.847
_cell.length_b   156.795
_cell.length_c   73.523
_cell.angle_alpha   90.00
_cell.angle_beta   109.21
_cell.angle_gamma   90.00
#
_symmetry.space_group_name_H-M   'P 1 21 1'
#
loop_
_entity.id
_entity.type
_entity.pdbx_description
1 polymer 'Nonstructural protein 1'
2 non-polymer 'ACETATE ION'
3 non-polymer 'MALONATE ION'
4 non-polymer 'SODIUM ION'
5 water water
#
_entity_poly.entity_id   1
_entity_poly.type   'polypeptide(L)'
_entity_poly.pdbx_seq_one_letter_code
;SNAMDSNTMSSFQVDCFLWHIRKRFADNGLGDAPFLDRLRRDQKSLKGRGNTLGLDIETATLVGKQIVEWILKEES
;
_entity_poly.pdbx_strand_id   A,B,C,D,E,F,G,H,I,J,K,L
#
loop_
_chem_comp.id
_chem_comp.type
_chem_comp.name
_chem_comp.formula
ACT non-polymer 'ACETATE ION' 'C2 H3 O2 -1'
MLI non-polymer 'MALONATE ION' 'C3 H2 O4 -2'
NA non-polymer 'SODIUM ION' 'Na 1'
#
# COMPACT_ATOMS: atom_id res chain seq x y z
N MET A 4 -25.66 13.46 41.00
CA MET A 4 -25.55 12.97 39.65
C MET A 4 -26.64 13.47 38.76
N ASP A 5 -26.26 14.05 37.66
CA ASP A 5 -27.18 14.65 36.74
C ASP A 5 -27.53 13.75 35.55
N SER A 6 -28.82 13.57 35.34
CA SER A 6 -29.31 12.74 34.25
C SER A 6 -28.80 13.20 32.85
N ASN A 7 -28.90 14.52 32.56
CA ASN A 7 -28.45 15.12 31.29
C ASN A 7 -26.93 15.02 31.12
N THR A 8 -26.18 15.10 32.22
CA THR A 8 -24.72 14.97 32.19
C THR A 8 -24.35 13.52 31.74
N MET A 9 -25.07 12.53 32.28
CA MET A 9 -24.93 11.10 31.97
C MET A 9 -25.34 10.84 30.53
N SER A 10 -26.53 11.35 30.10
CA SER A 10 -27.04 11.19 28.73
C SER A 10 -26.09 11.82 27.73
N SER A 11 -25.53 13.02 28.06
CA SER A 11 -24.59 13.72 27.18
C SER A 11 -23.31 12.90 27.01
N PHE A 12 -22.85 12.26 28.08
CA PHE A 12 -21.64 11.41 28.06
C PHE A 12 -21.93 10.17 27.17
N GLN A 13 -23.11 9.57 27.33
CA GLN A 13 -23.51 8.39 26.56
C GLN A 13 -23.54 8.67 25.06
N VAL A 14 -24.15 9.81 24.67
N VAL A 14 -24.16 9.81 24.64
CA VAL A 14 -24.22 10.24 23.26
CA VAL A 14 -24.20 10.19 23.22
C VAL A 14 -22.82 10.51 22.70
C VAL A 14 -22.82 10.50 22.67
N ASP A 15 -21.98 11.23 23.44
CA ASP A 15 -20.60 11.51 23.03
C ASP A 15 -19.82 10.19 22.89
N CYS A 16 -20.05 9.21 23.79
CA CYS A 16 -19.40 7.89 23.69
C CYS A 16 -19.84 7.18 22.43
N PHE A 17 -21.15 7.19 22.12
CA PHE A 17 -21.65 6.56 20.90
C PHE A 17 -21.20 7.25 19.61
N LEU A 18 -21.21 8.60 19.60
CA LEU A 18 -20.76 9.31 18.42
C LEU A 18 -19.24 9.15 18.23
N TRP A 19 -18.44 8.98 19.33
CA TRP A 19 -17.01 8.69 19.20
C TRP A 19 -16.86 7.29 18.54
N HIS A 20 -17.73 6.32 18.93
CA HIS A 20 -17.75 4.98 18.33
C HIS A 20 -18.02 5.07 16.81
N ILE A 21 -18.94 5.94 16.37
CA ILE A 21 -19.22 6.15 14.94
C ILE A 21 -17.98 6.74 14.26
N ARG A 22 -17.34 7.73 14.92
CA ARG A 22 -16.14 8.35 14.38
C ARG A 22 -15.02 7.33 14.22
N LYS A 23 -14.86 6.43 15.22
CA LYS A 23 -13.85 5.38 15.23
C LYS A 23 -14.08 4.39 14.07
N ARG A 24 -15.34 3.98 13.81
CA ARG A 24 -15.67 3.07 12.71
C ARG A 24 -15.39 3.74 11.34
N PHE A 25 -15.66 5.06 11.23
CA PHE A 25 -15.36 5.86 10.03
C PHE A 25 -13.84 5.87 9.80
N ALA A 26 -13.07 6.14 10.87
CA ALA A 26 -11.61 6.15 10.90
C ALA A 26 -11.00 4.76 10.58
N ASP A 27 -11.62 3.67 11.06
CA ASP A 27 -11.19 2.28 10.78
C ASP A 27 -11.23 2.02 9.26
N ASN A 28 -12.13 2.72 8.54
CA ASN A 28 -12.25 2.59 7.08
C ASN A 28 -11.26 3.46 6.32
N GLY A 29 -10.37 4.14 7.05
CA GLY A 29 -9.32 4.98 6.48
C GLY A 29 -9.83 6.25 5.83
N LEU A 30 -10.97 6.80 6.32
CA LEU A 30 -11.59 7.98 5.74
C LEU A 30 -11.31 9.28 6.43
N GLY A 31 -10.63 9.24 7.56
CA GLY A 31 -10.30 10.43 8.34
C GLY A 31 -9.04 11.15 7.89
N ASP A 32 -9.08 12.50 7.93
CA ASP A 32 -7.88 13.26 7.62
C ASP A 32 -7.14 13.46 8.95
N ALA A 33 -5.93 14.07 8.93
CA ALA A 33 -5.14 14.27 10.16
C ALA A 33 -5.86 15.03 11.28
N PRO A 34 -6.55 16.20 11.03
CA PRO A 34 -7.28 16.87 12.14
C PRO A 34 -8.43 15.99 12.69
N PHE A 35 -9.15 15.26 11.83
CA PHE A 35 -10.21 14.33 12.28
C PHE A 35 -9.62 13.26 13.23
N LEU A 36 -8.48 12.69 12.85
CA LEU A 36 -7.80 11.65 13.63
C LEU A 36 -7.19 12.20 14.90
N ASP A 37 -6.80 13.48 14.88
CA ASP A 37 -6.26 14.17 16.06
C ASP A 37 -7.39 14.39 17.07
N ARG A 38 -8.58 14.81 16.60
CA ARG A 38 -9.78 14.97 17.44
C ARG A 38 -10.20 13.63 18.05
N LEU A 39 -10.14 12.54 17.25
CA LEU A 39 -10.51 11.19 17.68
C LEU A 39 -9.64 10.73 18.85
N ARG A 40 -8.31 10.93 18.72
CA ARG A 40 -7.34 10.53 19.75
C ARG A 40 -7.50 11.38 21.01
N ARG A 41 -7.65 12.71 20.87
CA ARG A 41 -7.84 13.60 22.00
C ARG A 41 -9.19 13.34 22.69
N ASP A 42 -10.26 13.17 21.90
CA ASP A 42 -11.59 12.92 22.46
C ASP A 42 -11.69 11.61 23.24
N GLN A 43 -10.94 10.57 22.81
CA GLN A 43 -10.92 9.28 23.53
C GLN A 43 -10.36 9.50 24.95
N LYS A 44 -9.29 10.30 25.06
CA LYS A 44 -8.67 10.60 26.34
C LYS A 44 -9.64 11.41 27.23
N SER A 45 -10.32 12.43 26.65
CA SER A 45 -11.30 13.26 27.37
C SER A 45 -12.47 12.41 27.85
N LEU A 46 -12.97 11.47 27.00
CA LEU A 46 -14.06 10.55 27.38
C LEU A 46 -13.67 9.63 28.51
N LYS A 47 -12.40 9.15 28.53
CA LYS A 47 -11.91 8.32 29.63
C LYS A 47 -11.88 9.11 30.95
N GLY A 48 -11.51 10.38 30.87
CA GLY A 48 -11.50 11.31 32.02
C GLY A 48 -12.89 11.56 32.55
N ARG A 49 -13.83 11.86 31.63
CA ARG A 49 -15.25 12.09 31.94
C ARG A 49 -15.90 10.85 32.56
N GLY A 50 -15.60 9.68 32.02
CA GLY A 50 -16.12 8.41 32.55
C GLY A 50 -15.63 8.13 33.95
N ASN A 51 -14.33 8.36 34.20
CA ASN A 51 -13.74 8.19 35.53
C ASN A 51 -14.41 9.14 36.53
N THR A 52 -14.62 10.41 36.12
CA THR A 52 -15.29 11.43 36.94
C THR A 52 -16.73 11.03 37.29
N LEU A 53 -17.50 10.59 36.27
CA LEU A 53 -18.90 10.21 36.43
C LEU A 53 -19.12 8.80 37.03
N GLY A 54 -18.08 7.98 37.06
CA GLY A 54 -18.19 6.60 37.50
C GLY A 54 -18.90 5.76 36.46
N LEU A 55 -18.77 6.16 35.17
CA LEU A 55 -19.43 5.46 34.07
C LEU A 55 -18.45 4.74 33.18
N ASP A 56 -18.74 3.48 32.93
CA ASP A 56 -17.93 2.64 32.07
C ASP A 56 -18.23 3.02 30.59
N ILE A 57 -17.18 3.24 29.79
CA ILE A 57 -17.29 3.65 28.38
C ILE A 57 -18.06 2.65 27.49
N GLU A 58 -17.79 1.34 27.66
CA GLU A 58 -18.49 0.31 26.89
C GLU A 58 -20.00 0.36 27.15
N THR A 59 -20.41 0.46 28.44
CA THR A 59 -21.84 0.56 28.80
C THR A 59 -22.46 1.87 28.27
N ALA A 60 -21.75 2.99 28.47
CA ALA A 60 -22.20 4.33 28.06
C ALA A 60 -22.39 4.39 26.54
N THR A 61 -21.48 3.74 25.77
CA THR A 61 -21.59 3.65 24.31
C THR A 61 -22.91 2.93 23.90
N LEU A 62 -23.23 1.79 24.56
CA LEU A 62 -24.45 1.02 24.29
C LEU A 62 -25.71 1.78 24.64
N VAL A 63 -25.70 2.55 25.74
CA VAL A 63 -26.85 3.39 26.11
C VAL A 63 -26.98 4.52 25.08
N GLY A 64 -25.85 5.12 24.70
CA GLY A 64 -25.79 6.19 23.68
C GLY A 64 -26.34 5.75 22.35
N LYS A 65 -26.11 4.46 21.97
CA LYS A 65 -26.65 3.88 20.73
C LYS A 65 -28.17 3.94 20.77
N GLN A 66 -28.78 3.54 21.90
CA GLN A 66 -30.23 3.55 22.06
C GLN A 66 -30.78 4.98 22.05
N ILE A 67 -30.04 5.94 22.65
CA ILE A 67 -30.45 7.35 22.67
C ILE A 67 -30.50 7.90 21.24
N VAL A 68 -29.39 7.76 20.50
CA VAL A 68 -29.26 8.24 19.11
C VAL A 68 -30.33 7.59 18.21
N GLU A 69 -30.57 6.26 18.34
CA GLU A 69 -31.60 5.58 17.55
C GLU A 69 -32.99 6.12 17.85
N TRP A 70 -33.27 6.40 19.14
CA TRP A 70 -34.54 7.00 19.55
C TRP A 70 -34.67 8.45 19.01
N ILE A 71 -33.56 9.22 19.04
CA ILE A 71 -33.50 10.59 18.54
C ILE A 71 -33.86 10.65 17.03
N LEU A 72 -33.21 9.78 16.23
CA LEU A 72 -33.35 9.69 14.78
C LEU A 72 -34.61 8.97 14.29
N LYS A 73 -35.39 8.33 15.18
CA LYS A 73 -36.63 7.65 14.81
C LYS A 73 -37.71 8.69 14.42
N GLU A 74 -37.66 9.89 15.05
CA GLU A 74 -38.56 11.01 14.80
C GLU A 74 -38.27 11.67 13.45
N MET B 4 16.59 7.39 -10.88
CA MET B 4 15.91 6.10 -10.62
C MET B 4 16.90 5.09 -9.99
N ASP B 5 16.46 4.38 -8.92
CA ASP B 5 17.26 3.38 -8.19
C ASP B 5 16.38 2.18 -7.91
N SER B 6 16.91 0.98 -8.17
CA SER B 6 16.12 -0.23 -7.98
C SER B 6 15.76 -0.55 -6.51
N ASN B 7 16.65 -0.21 -5.55
N ASN B 7 16.65 -0.21 -5.55
CA ASN B 7 16.40 -0.43 -4.12
CA ASN B 7 16.41 -0.41 -4.12
C ASN B 7 15.32 0.53 -3.62
C ASN B 7 15.33 0.54 -3.62
N THR B 8 15.22 1.71 -4.26
CA THR B 8 14.20 2.71 -3.96
C THR B 8 12.86 2.16 -4.45
N MET B 9 12.87 1.52 -5.62
CA MET B 9 11.67 0.94 -6.20
C MET B 9 11.19 -0.25 -5.39
N SER B 10 12.09 -1.17 -5.01
CA SER B 10 11.68 -2.32 -4.20
C SER B 10 11.25 -1.91 -2.78
N SER B 11 11.80 -0.80 -2.21
CA SER B 11 11.38 -0.31 -0.90
C SER B 11 9.99 0.28 -1.00
N PHE B 12 9.68 0.94 -2.13
CA PHE B 12 8.37 1.52 -2.39
C PHE B 12 7.34 0.41 -2.54
N GLN B 13 7.68 -0.67 -3.27
CA GLN B 13 6.80 -1.81 -3.48
C GLN B 13 6.43 -2.54 -2.15
N VAL B 14 7.41 -2.81 -1.27
N VAL B 14 7.44 -2.81 -1.30
CA VAL B 14 7.07 -3.46 0.02
CA VAL B 14 7.22 -3.46 0.01
C VAL B 14 6.31 -2.54 0.94
C VAL B 14 6.41 -2.57 0.95
N ASP B 15 6.68 -1.25 0.99
CA ASP B 15 5.98 -0.29 1.82
C ASP B 15 4.51 -0.21 1.37
N CYS B 16 4.24 -0.28 0.03
CA CYS B 16 2.88 -0.28 -0.52
C CYS B 16 2.09 -1.50 -0.04
N PHE B 17 2.70 -2.69 -0.11
CA PHE B 17 2.04 -3.91 0.33
C PHE B 17 1.87 -3.97 1.86
N LEU B 18 2.87 -3.52 2.63
CA LEU B 18 2.75 -3.49 4.10
C LEU B 18 1.67 -2.47 4.51
N TRP B 19 1.54 -1.35 3.77
CA TRP B 19 0.45 -0.39 3.98
C TRP B 19 -0.90 -1.07 3.73
N HIS B 20 -0.96 -1.92 2.68
CA HIS B 20 -2.19 -2.64 2.32
C HIS B 20 -2.58 -3.62 3.45
N ILE B 21 -1.60 -4.28 4.07
CA ILE B 21 -1.87 -5.19 5.20
C ILE B 21 -2.48 -4.37 6.37
N ARG B 22 -1.87 -3.21 6.67
CA ARG B 22 -2.32 -2.31 7.72
C ARG B 22 -3.72 -1.77 7.47
N LYS B 23 -4.04 -1.50 6.21
CA LYS B 23 -5.36 -1.03 5.81
C LYS B 23 -6.44 -2.11 6.10
N ARG B 24 -6.13 -3.38 5.80
CA ARG B 24 -7.06 -4.51 6.05
C ARG B 24 -7.21 -4.74 7.55
N PHE B 25 -6.10 -4.65 8.29
CA PHE B 25 -6.08 -4.77 9.75
C PHE B 25 -6.98 -3.65 10.34
N ALA B 26 -6.86 -2.42 9.81
CA ALA B 26 -7.65 -1.27 10.26
C ALA B 26 -9.15 -1.49 9.95
N ASP B 27 -9.46 -2.00 8.73
CA ASP B 27 -10.82 -2.32 8.28
C ASP B 27 -11.48 -3.33 9.23
N ASN B 28 -10.68 -4.29 9.73
CA ASN B 28 -11.13 -5.33 10.66
C ASN B 28 -11.38 -4.84 12.09
N GLY B 29 -11.12 -3.56 12.36
CA GLY B 29 -11.36 -2.87 13.64
C GLY B 29 -10.31 -3.09 14.72
N LEU B 30 -9.10 -3.48 14.32
CA LEU B 30 -8.05 -3.81 15.29
C LEU B 30 -7.06 -2.69 15.60
N GLY B 31 -7.18 -1.57 14.88
CA GLY B 31 -6.29 -0.43 15.05
C GLY B 31 -6.78 0.56 16.08
N ASP B 32 -5.87 1.16 16.84
CA ASP B 32 -6.24 2.20 17.80
C ASP B 32 -6.05 3.55 17.10
N ALA B 33 -6.50 4.66 17.69
CA ALA B 33 -6.39 5.99 17.08
C ALA B 33 -4.94 6.29 16.59
N PRO B 34 -3.84 6.09 17.38
CA PRO B 34 -2.48 6.32 16.83
C PRO B 34 -2.13 5.44 15.62
N PHE B 35 -2.53 4.13 15.61
CA PHE B 35 -2.29 3.24 14.46
C PHE B 35 -2.95 3.85 13.20
N LEU B 36 -4.22 4.33 13.35
CA LEU B 36 -4.96 4.93 12.24
C LEU B 36 -4.34 6.24 11.76
N ASP B 37 -3.76 6.99 12.67
CA ASP B 37 -3.02 8.15 12.26
C ASP B 37 -1.79 7.84 11.47
N ARG B 38 -1.01 6.85 11.87
CA ARG B 38 0.16 6.43 11.12
C ARG B 38 -0.27 5.91 9.75
N LEU B 39 -1.44 5.23 9.67
CA LEU B 39 -1.98 4.71 8.40
C LEU B 39 -2.24 5.86 7.44
N ARG B 40 -2.84 6.91 7.95
N ARG B 40 -2.84 6.92 7.95
CA ARG B 40 -3.12 8.12 7.24
CA ARG B 40 -3.12 8.10 7.17
C ARG B 40 -1.86 8.84 6.73
C ARG B 40 -1.86 8.84 6.71
N ARG B 41 -0.98 9.11 7.64
CA ARG B 41 0.33 9.71 7.39
C ARG B 41 1.08 8.91 6.28
N ASP B 42 1.07 7.56 6.36
CA ASP B 42 1.77 6.71 5.40
C ASP B 42 1.14 6.65 4.03
N GLN B 43 -0.20 6.76 3.97
CA GLN B 43 -0.96 6.81 2.72
C GLN B 43 -0.54 8.05 1.90
N LYS B 44 -0.48 9.24 2.55
CA LYS B 44 -0.09 10.51 1.94
C LYS B 44 1.35 10.42 1.45
N SER B 45 2.26 9.90 2.29
CA SER B 45 3.69 9.72 1.98
C SER B 45 3.90 8.80 0.77
N LEU B 46 3.15 7.67 0.71
CA LEU B 46 3.24 6.74 -0.42
C LEU B 46 2.71 7.37 -1.71
N LYS B 47 1.65 8.19 -1.63
CA LYS B 47 1.11 8.93 -2.78
C LYS B 47 2.24 9.83 -3.35
N GLY B 48 2.88 10.58 -2.45
CA GLY B 48 4.00 11.48 -2.75
C GLY B 48 5.16 10.75 -3.37
N ARG B 49 5.54 9.60 -2.76
CA ARG B 49 6.64 8.75 -3.22
C ARG B 49 6.36 8.17 -4.60
N GLY B 50 5.12 7.73 -4.82
CA GLY B 50 4.70 7.15 -6.10
C GLY B 50 4.83 8.13 -7.25
N ASN B 51 4.35 9.35 -7.00
CA ASN B 51 4.37 10.48 -7.92
C ASN B 51 5.83 10.79 -8.29
N THR B 52 6.70 10.96 -7.28
CA THR B 52 8.14 11.23 -7.43
C THR B 52 8.85 10.18 -8.28
N LEU B 53 8.54 8.88 -8.05
CA LEU B 53 9.19 7.77 -8.75
C LEU B 53 8.58 7.42 -10.11
N GLY B 54 7.38 7.91 -10.37
CA GLY B 54 6.63 7.62 -11.59
C GLY B 54 6.08 6.21 -11.57
N LEU B 55 5.75 5.71 -10.35
CA LEU B 55 5.25 4.36 -10.19
C LEU B 55 3.87 4.37 -9.60
N ASP B 56 3.00 3.53 -10.15
CA ASP B 56 1.60 3.37 -9.77
C ASP B 56 1.52 2.53 -8.46
N ILE B 57 0.76 3.00 -7.46
CA ILE B 57 0.59 2.29 -6.19
C ILE B 57 0.00 0.87 -6.37
N GLU B 58 -1.00 0.72 -7.26
CA GLU B 58 -1.68 -0.55 -7.49
C GLU B 58 -0.76 -1.65 -7.90
N THR B 59 0.08 -1.37 -8.91
N THR B 59 0.07 -1.42 -8.93
CA THR B 59 1.06 -2.28 -9.46
CA THR B 59 1.02 -2.45 -9.36
C THR B 59 2.18 -2.56 -8.45
C THR B 59 2.20 -2.61 -8.40
N ALA B 60 2.65 -1.50 -7.75
CA ALA B 60 3.74 -1.56 -6.75
C ALA B 60 3.31 -2.44 -5.57
N THR B 61 2.02 -2.36 -5.16
CA THR B 61 1.44 -3.20 -4.10
C THR B 61 1.49 -4.66 -4.51
N LEU B 62 1.20 -4.93 -5.78
CA LEU B 62 1.23 -6.30 -6.31
C LEU B 62 2.62 -6.86 -6.32
N VAL B 63 3.62 -6.03 -6.66
CA VAL B 63 5.02 -6.49 -6.61
C VAL B 63 5.42 -6.71 -5.13
N GLY B 64 5.05 -5.77 -4.27
CA GLY B 64 5.32 -5.87 -2.83
C GLY B 64 4.81 -7.17 -2.23
N LYS B 65 3.64 -7.61 -2.72
CA LYS B 65 3.00 -8.87 -2.29
C LYS B 65 3.91 -10.04 -2.62
N GLN B 66 4.47 -10.07 -3.84
CA GLN B 66 5.36 -11.13 -4.31
C GLN B 66 6.67 -11.14 -3.54
N ILE B 67 7.22 -9.94 -3.24
CA ILE B 67 8.45 -9.79 -2.45
C ILE B 67 8.19 -10.32 -1.04
N VAL B 68 7.08 -9.89 -0.40
CA VAL B 68 6.72 -10.35 0.96
C VAL B 68 6.42 -11.86 1.02
N GLU B 69 5.72 -12.40 0.00
CA GLU B 69 5.43 -13.85 -0.07
C GLU B 69 6.73 -14.64 -0.11
N TRP B 70 7.71 -14.15 -0.90
CA TRP B 70 9.04 -14.74 -1.04
C TRP B 70 9.73 -14.73 0.34
N ILE B 71 9.68 -13.58 1.05
CA ILE B 71 10.29 -13.41 2.38
C ILE B 71 9.66 -14.38 3.41
N LEU B 72 8.33 -14.47 3.44
CA LEU B 72 7.62 -15.36 4.37
C LEU B 72 7.86 -16.85 4.09
N LYS B 73 8.03 -17.23 2.81
CA LYS B 73 8.31 -18.61 2.40
C LYS B 73 9.74 -19.01 2.82
N GLU B 74 10.70 -18.06 2.68
CA GLU B 74 12.15 -18.14 2.98
C GLU B 74 12.94 -18.88 1.90
N ALA C 3 18.09 -16.15 -2.79
CA ALA C 3 18.31 -14.73 -2.53
C ALA C 3 17.42 -13.84 -3.41
N MET C 4 17.50 -12.51 -3.21
N MET C 4 17.49 -12.50 -3.20
CA MET C 4 16.74 -11.52 -3.97
CA MET C 4 16.73 -11.51 -3.97
C MET C 4 17.60 -10.27 -4.17
C MET C 4 17.59 -10.26 -4.17
N ASP C 5 17.63 -9.75 -5.41
CA ASP C 5 18.41 -8.56 -5.77
C ASP C 5 17.48 -7.63 -6.52
N SER C 6 17.42 -6.37 -6.10
CA SER C 6 16.54 -5.37 -6.69
C SER C 6 16.91 -5.01 -8.15
N ASN C 7 18.21 -5.11 -8.52
CA ASN C 7 18.67 -4.86 -9.89
C ASN C 7 18.21 -6.02 -10.77
N THR C 8 18.25 -7.25 -10.22
CA THR C 8 17.76 -8.45 -10.91
C THR C 8 16.25 -8.32 -11.20
N MET C 9 15.50 -7.71 -10.27
CA MET C 9 14.06 -7.50 -10.39
C MET C 9 13.75 -6.42 -11.42
N SER C 10 14.41 -5.27 -11.34
CA SER C 10 14.23 -4.19 -12.32
C SER C 10 14.69 -4.63 -13.73
N SER C 11 15.73 -5.49 -13.82
CA SER C 11 16.24 -6.02 -15.10
C SER C 11 15.23 -6.94 -15.76
N PHE C 12 14.52 -7.73 -14.96
CA PHE C 12 13.47 -8.63 -15.43
C PHE C 12 12.26 -7.82 -15.86
N GLN C 13 11.93 -6.75 -15.12
CA GLN C 13 10.80 -5.87 -15.43
C GLN C 13 10.99 -5.23 -16.80
N VAL C 14 12.14 -4.55 -17.02
CA VAL C 14 12.45 -3.91 -18.29
C VAL C 14 12.45 -4.92 -19.46
N ASP C 15 13.08 -6.09 -19.28
CA ASP C 15 13.13 -7.17 -20.28
C ASP C 15 11.74 -7.65 -20.65
N CYS C 16 10.82 -7.75 -19.65
CA CYS C 16 9.43 -8.15 -19.89
C CYS C 16 8.72 -7.15 -20.76
N PHE C 17 8.89 -5.86 -20.46
CA PHE C 17 8.23 -4.83 -21.25
C PHE C 17 8.84 -4.69 -22.64
N LEU C 18 10.19 -4.80 -22.76
CA LEU C 18 10.84 -4.69 -24.08
C LEU C 18 10.45 -5.87 -24.98
N TRP C 19 10.18 -7.05 -24.37
CA TRP C 19 9.69 -8.22 -25.12
C TRP C 19 8.28 -7.93 -25.65
N HIS C 20 7.44 -7.23 -24.85
CA HIS C 20 6.08 -6.86 -25.23
C HIS C 20 6.09 -5.92 -26.46
N ILE C 21 7.05 -4.96 -26.51
N ILE C 21 7.07 -4.99 -26.53
CA ILE C 21 7.19 -4.04 -27.65
CA ILE C 21 7.27 -4.05 -27.64
C ILE C 21 7.52 -4.88 -28.90
C ILE C 21 7.57 -4.85 -28.90
N ARG C 22 8.51 -5.80 -28.77
CA ARG C 22 8.97 -6.70 -29.83
C ARG C 22 7.81 -7.56 -30.34
N LYS C 23 6.92 -7.99 -29.42
CA LYS C 23 5.74 -8.79 -29.72
C LYS C 23 4.76 -7.99 -30.59
N ARG C 24 4.44 -6.76 -30.18
CA ARG C 24 3.56 -5.84 -30.92
C ARG C 24 4.15 -5.53 -32.31
N PHE C 25 5.48 -5.40 -32.41
CA PHE C 25 6.21 -5.16 -33.67
C PHE C 25 6.01 -6.38 -34.59
N ALA C 26 6.20 -7.60 -34.04
CA ALA C 26 6.02 -8.87 -34.72
C ALA C 26 4.58 -9.06 -35.18
N ASP C 27 3.60 -8.67 -34.32
CA ASP C 27 2.17 -8.71 -34.60
C ASP C 27 1.80 -7.84 -35.83
N ASN C 28 2.60 -6.78 -36.10
CA ASN C 28 2.41 -5.86 -37.24
C ASN C 28 3.06 -6.38 -38.54
N GLY C 29 3.63 -7.58 -38.47
CA GLY C 29 4.24 -8.25 -39.61
C GLY C 29 5.56 -7.64 -40.04
N LEU C 30 6.28 -7.00 -39.09
CA LEU C 30 7.53 -6.31 -39.35
C LEU C 30 8.80 -7.07 -39.04
N GLY C 31 8.69 -8.20 -38.36
CA GLY C 31 9.87 -8.98 -38.02
C GLY C 31 10.32 -9.91 -39.12
N ASP C 32 11.66 -10.05 -39.28
CA ASP C 32 12.21 -11.04 -40.22
C ASP C 32 12.35 -12.37 -39.43
N ALA C 33 12.73 -13.49 -40.09
CA ALA C 33 12.86 -14.79 -39.43
C ALA C 33 13.81 -14.77 -38.20
N PRO C 34 15.06 -14.21 -38.25
CA PRO C 34 15.88 -14.15 -37.03
C PRO C 34 15.23 -13.38 -35.87
N PHE C 35 14.54 -12.26 -36.16
CA PHE C 35 13.84 -11.46 -35.13
C PHE C 35 12.78 -12.30 -34.43
N LEU C 36 11.99 -13.05 -35.22
CA LEU C 36 10.90 -13.89 -34.70
C LEU C 36 11.45 -15.06 -33.89
N ASP C 37 12.64 -15.53 -34.27
CA ASP C 37 13.33 -16.61 -33.59
C ASP C 37 13.78 -16.10 -32.20
N ARG C 38 14.39 -14.88 -32.15
CA ARG C 38 14.80 -14.24 -30.90
C ARG C 38 13.59 -13.99 -30.01
N LEU C 39 12.45 -13.59 -30.60
CA LEU C 39 11.21 -13.34 -29.86
C LEU C 39 10.71 -14.62 -29.15
N ARG C 40 10.72 -15.75 -29.87
CA ARG C 40 10.27 -17.05 -29.37
C ARG C 40 11.16 -17.54 -28.22
N ARG C 41 12.50 -17.55 -28.44
CA ARG C 41 13.48 -18.00 -27.45
C ARG C 41 13.42 -17.13 -26.18
N ASP C 42 13.37 -15.79 -26.34
CA ASP C 42 13.29 -14.84 -25.23
C ASP C 42 12.04 -14.99 -24.39
N GLN C 43 10.90 -15.34 -25.00
CA GLN C 43 9.63 -15.53 -24.29
C GLN C 43 9.76 -16.69 -23.29
N LYS C 44 10.39 -17.82 -23.70
CA LYS C 44 10.55 -18.94 -22.78
C LYS C 44 11.64 -18.68 -21.75
N SER C 45 12.67 -17.91 -22.12
CA SER C 45 13.75 -17.47 -21.26
C SER C 45 13.17 -16.62 -20.10
N LEU C 46 12.22 -15.72 -20.42
CA LEU C 46 11.56 -14.84 -19.45
C LEU C 46 10.62 -15.61 -18.53
N LYS C 47 9.98 -16.67 -19.05
CA LYS C 47 9.09 -17.56 -18.29
C LYS C 47 9.92 -18.26 -17.22
N GLY C 48 11.12 -18.71 -17.60
CA GLY C 48 12.07 -19.35 -16.71
C GLY C 48 12.57 -18.38 -15.65
N ARG C 49 12.94 -17.15 -16.07
CA ARG C 49 13.43 -16.10 -15.18
C ARG C 49 12.39 -15.73 -14.12
N GLY C 50 11.13 -15.58 -14.55
CA GLY C 50 10.01 -15.23 -13.68
C GLY C 50 9.75 -16.28 -12.63
N ASN C 51 9.86 -17.57 -13.03
CA ASN C 51 9.70 -18.73 -12.18
C ASN C 51 10.79 -18.75 -11.09
N THR C 52 12.06 -18.53 -11.49
CA THR C 52 13.24 -18.46 -10.61
C THR C 52 13.11 -17.34 -9.56
N LEU C 53 12.67 -16.14 -10.01
CA LEU C 53 12.53 -14.98 -9.15
C LEU C 53 11.22 -14.95 -8.36
N GLY C 54 10.25 -15.79 -8.76
CA GLY C 54 8.94 -15.83 -8.14
C GLY C 54 8.15 -14.56 -8.43
N LEU C 55 8.26 -14.06 -9.66
CA LEU C 55 7.58 -12.84 -10.09
C LEU C 55 6.77 -13.15 -11.34
N ASP C 56 5.52 -12.68 -11.40
CA ASP C 56 4.72 -12.92 -12.60
C ASP C 56 5.04 -11.92 -13.69
N ILE C 57 5.07 -12.39 -14.95
CA ILE C 57 5.36 -11.61 -16.15
C ILE C 57 4.39 -10.45 -16.33
N GLU C 58 3.08 -10.69 -16.18
CA GLU C 58 2.06 -9.65 -16.32
C GLU C 58 2.35 -8.39 -15.52
N THR C 59 2.65 -8.55 -14.21
N THR C 59 2.63 -8.53 -14.19
CA THR C 59 2.93 -7.43 -13.31
CA THR C 59 2.93 -7.37 -13.33
C THR C 59 4.29 -6.80 -13.66
C THR C 59 4.30 -6.77 -13.66
N ALA C 60 5.31 -7.63 -13.91
CA ALA C 60 6.69 -7.22 -14.26
C ALA C 60 6.71 -6.37 -15.55
N THR C 61 5.88 -6.78 -16.55
CA THR C 61 5.67 -6.07 -17.84
C THR C 61 5.14 -4.67 -17.56
N LEU C 62 4.16 -4.54 -16.64
CA LEU C 62 3.58 -3.24 -16.27
C LEU C 62 4.56 -2.35 -15.53
N VAL C 63 5.42 -2.93 -14.68
CA VAL C 63 6.47 -2.14 -13.99
C VAL C 63 7.53 -1.73 -15.03
N GLY C 64 7.90 -2.65 -15.93
CA GLY C 64 8.86 -2.34 -17.01
C GLY C 64 8.40 -1.16 -17.85
N LYS C 65 7.09 -1.14 -18.16
CA LYS C 65 6.44 -0.04 -18.91
C LYS C 65 6.69 1.31 -18.24
N GLN C 66 6.51 1.36 -16.92
CA GLN C 66 6.69 2.56 -16.12
C GLN C 66 8.15 2.96 -16.04
N ILE C 67 9.05 1.97 -15.98
CA ILE C 67 10.50 2.19 -15.96
C ILE C 67 10.90 2.80 -17.34
N VAL C 68 10.43 2.19 -18.45
CA VAL C 68 10.72 2.63 -19.82
C VAL C 68 10.13 4.03 -20.08
N GLU C 69 8.86 4.27 -19.65
CA GLU C 69 8.21 5.57 -19.79
C GLU C 69 9.02 6.67 -19.09
N TRP C 70 9.56 6.36 -17.90
CA TRP C 70 10.40 7.26 -17.11
C TRP C 70 11.69 7.59 -17.91
N ILE C 71 12.27 6.56 -18.57
CA ILE C 71 13.47 6.70 -19.39
C ILE C 71 13.18 7.59 -20.62
N LEU C 72 12.12 7.26 -21.38
CA LEU C 72 11.72 8.04 -22.57
C LEU C 72 11.39 9.51 -22.23
N LYS C 73 10.68 9.73 -21.11
CA LYS C 73 10.31 11.07 -20.62
C LYS C 73 11.55 11.87 -20.22
N GLU C 74 12.55 11.20 -19.58
CA GLU C 74 13.84 11.78 -19.13
C GLU C 74 14.61 12.45 -20.28
N GLU C 75 14.37 12.02 -21.53
CA GLU C 75 14.96 12.55 -22.75
C GLU C 75 13.86 12.91 -23.76
N MET D 4 -14.65 0.81 1.70
CA MET D 4 -15.06 2.15 1.26
C MET D 4 -13.89 3.13 1.08
N ASP D 5 -14.00 4.04 0.08
CA ASP D 5 -12.93 4.98 -0.27
C ASP D 5 -13.41 6.41 -0.55
N SER D 6 -12.70 7.41 0.02
CA SER D 6 -12.99 8.84 -0.11
C SER D 6 -12.86 9.29 -1.58
N ASN D 7 -11.73 8.90 -2.26
CA ASN D 7 -11.49 9.19 -3.69
C ASN D 7 -12.56 8.54 -4.55
N THR D 8 -13.10 7.37 -4.14
CA THR D 8 -14.17 6.70 -4.87
C THR D 8 -15.46 7.52 -4.83
N MET D 9 -15.76 8.09 -3.66
CA MET D 9 -16.95 8.91 -3.45
C MET D 9 -16.77 10.25 -4.17
N SER D 10 -15.57 10.88 -4.07
CA SER D 10 -15.20 12.13 -4.76
C SER D 10 -15.36 11.96 -6.27
N SER D 11 -14.82 10.84 -6.82
CA SER D 11 -14.88 10.50 -8.24
C SER D 11 -16.29 10.32 -8.75
N PHE D 12 -17.15 9.70 -7.93
CA PHE D 12 -18.55 9.52 -8.27
C PHE D 12 -19.30 10.87 -8.31
N GLN D 13 -18.98 11.76 -7.35
CA GLN D 13 -19.60 13.09 -7.24
C GLN D 13 -19.25 13.93 -8.48
N VAL D 14 -17.97 14.01 -8.85
N VAL D 14 -17.94 14.01 -8.84
CA VAL D 14 -17.56 14.77 -10.04
CA VAL D 14 -17.46 14.75 -10.00
C VAL D 14 -18.15 14.19 -11.31
C VAL D 14 -18.06 14.19 -11.31
N ASP D 15 -18.14 12.84 -11.45
CA ASP D 15 -18.71 12.17 -12.63
C ASP D 15 -20.21 12.46 -12.79
N CYS D 16 -20.95 12.58 -11.67
CA CYS D 16 -22.37 12.95 -11.63
C CYS D 16 -22.60 14.38 -12.14
N PHE D 17 -21.83 15.36 -11.65
CA PHE D 17 -21.98 16.75 -12.07
C PHE D 17 -21.58 16.95 -13.54
N LEU D 18 -20.45 16.32 -13.95
CA LEU D 18 -19.96 16.39 -15.33
C LEU D 18 -20.99 15.79 -16.28
N TRP D 19 -21.75 14.76 -15.82
CA TRP D 19 -22.83 14.17 -16.61
C TRP D 19 -23.94 15.18 -16.74
N HIS D 20 -24.24 15.93 -15.65
CA HIS D 20 -25.27 16.98 -15.65
C HIS D 20 -24.92 18.07 -16.70
N ILE D 21 -23.64 18.46 -16.78
CA ILE D 21 -23.15 19.45 -17.77
C ILE D 21 -23.45 18.93 -19.19
N ARG D 22 -23.06 17.67 -19.46
CA ARG D 22 -23.30 16.98 -20.73
C ARG D 22 -24.80 16.90 -21.09
N LYS D 23 -25.66 16.62 -20.07
CA LYS D 23 -27.11 16.56 -20.27
C LYS D 23 -27.65 17.94 -20.68
N ARG D 24 -27.18 19.00 -20.01
CA ARG D 24 -27.63 20.37 -20.31
C ARG D 24 -27.18 20.81 -21.71
N PHE D 25 -25.98 20.38 -22.13
CA PHE D 25 -25.39 20.60 -23.45
C PHE D 25 -26.29 19.92 -24.51
N ALA D 26 -26.57 18.60 -24.34
CA ALA D 26 -27.46 17.80 -25.20
C ALA D 26 -28.85 18.44 -25.28
N ASP D 27 -29.36 18.96 -24.15
CA ASP D 27 -30.65 19.65 -24.09
C ASP D 27 -30.70 20.88 -25.00
N ASN D 28 -29.56 21.55 -25.22
CA ASN D 28 -29.45 22.74 -26.10
C ASN D 28 -29.30 22.39 -27.62
N GLY D 29 -29.41 21.11 -27.95
CA GLY D 29 -29.31 20.58 -29.31
C GLY D 29 -27.91 20.61 -29.87
N LEU D 30 -26.90 20.54 -29.00
CA LEU D 30 -25.50 20.66 -29.39
C LEU D 30 -24.71 19.37 -29.61
N GLY D 31 -25.27 18.24 -29.17
CA GLY D 31 -24.59 16.96 -29.29
C GLY D 31 -24.78 16.26 -30.63
N ASP D 32 -23.75 15.54 -31.08
CA ASP D 32 -23.87 14.74 -32.29
C ASP D 32 -24.35 13.32 -31.82
N ALA D 33 -24.64 12.40 -32.77
CA ALA D 33 -25.10 11.04 -32.42
C ALA D 33 -24.15 10.30 -31.44
N PRO D 34 -22.80 10.22 -31.66
CA PRO D 34 -21.95 9.56 -30.66
C PRO D 34 -21.98 10.21 -29.28
N PHE D 35 -22.12 11.57 -29.21
CA PHE D 35 -22.21 12.27 -27.93
C PHE D 35 -23.48 11.86 -27.18
N LEU D 36 -24.61 11.79 -27.90
CA LEU D 36 -25.90 11.39 -27.34
C LEU D 36 -25.88 9.92 -26.89
N ASP D 37 -25.08 9.05 -27.57
CA ASP D 37 -24.93 7.65 -27.18
C ASP D 37 -24.12 7.52 -25.91
N ARG D 38 -22.99 8.27 -25.81
CA ARG D 38 -22.17 8.29 -24.60
C ARG D 38 -22.97 8.81 -23.40
N LEU D 39 -23.91 9.75 -23.61
CA LEU D 39 -24.75 10.31 -22.54
C LEU D 39 -25.72 9.25 -22.01
N ARG D 40 -26.39 8.55 -22.91
CA ARG D 40 -27.30 7.47 -22.60
C ARG D 40 -26.62 6.38 -21.79
N ARG D 41 -25.52 5.87 -22.29
CA ARG D 41 -24.79 4.86 -21.61
C ARG D 41 -24.28 5.26 -20.23
N ASP D 42 -23.63 6.40 -20.13
CA ASP D 42 -23.08 6.95 -18.88
C ASP D 42 -24.11 7.17 -17.79
N GLN D 43 -25.37 7.48 -18.16
CA GLN D 43 -26.45 7.68 -17.18
C GLN D 43 -26.72 6.36 -16.44
N LYS D 44 -26.82 5.25 -17.19
CA LYS D 44 -27.07 3.90 -16.67
C LYS D 44 -25.86 3.47 -15.84
N SER D 45 -24.65 3.75 -16.33
CA SER D 45 -23.39 3.44 -15.64
C SER D 45 -23.30 4.16 -14.28
N LEU D 46 -23.81 5.41 -14.20
CA LEU D 46 -23.82 6.19 -12.97
C LEU D 46 -24.88 5.68 -12.00
N LYS D 47 -26.04 5.21 -12.50
CA LYS D 47 -27.10 4.62 -11.67
C LYS D 47 -26.57 3.40 -10.92
N GLY D 48 -25.79 2.57 -11.62
CA GLY D 48 -25.15 1.37 -11.07
C GLY D 48 -24.13 1.69 -10.00
N ARG D 49 -23.24 2.66 -10.29
CA ARG D 49 -22.20 3.10 -9.36
C ARG D 49 -22.80 3.62 -8.05
N GLY D 50 -23.89 4.41 -8.16
CA GLY D 50 -24.62 4.98 -7.03
C GLY D 50 -25.25 3.93 -6.13
N ASN D 51 -25.88 2.90 -6.73
N ASN D 51 -25.88 2.90 -6.74
CA ASN D 51 -26.50 1.78 -6.01
CA ASN D 51 -26.50 1.76 -6.07
C ASN D 51 -25.42 0.94 -5.32
C ASN D 51 -25.43 0.94 -5.33
N THR D 52 -24.26 0.77 -5.98
CA THR D 52 -23.10 0.03 -5.47
C THR D 52 -22.42 0.73 -4.28
N LEU D 53 -22.34 2.06 -4.32
CA LEU D 53 -21.70 2.86 -3.26
C LEU D 53 -22.66 3.28 -2.14
N GLY D 54 -23.96 3.09 -2.36
CA GLY D 54 -25.02 3.50 -1.45
C GLY D 54 -25.12 5.01 -1.40
N LEU D 55 -24.86 5.66 -2.56
CA LEU D 55 -24.91 7.12 -2.69
C LEU D 55 -25.97 7.60 -3.66
N ASP D 56 -26.78 8.57 -3.22
CA ASP D 56 -27.85 9.24 -3.96
C ASP D 56 -27.20 10.10 -5.07
N ILE D 57 -27.72 10.03 -6.32
CA ILE D 57 -27.17 10.78 -7.46
C ILE D 57 -27.39 12.28 -7.33
N GLU D 58 -28.62 12.67 -6.95
CA GLU D 58 -29.05 14.05 -6.72
C GLU D 58 -28.09 14.79 -5.80
N THR D 59 -27.79 14.21 -4.62
N THR D 59 -27.79 14.23 -4.61
CA THR D 59 -26.87 14.77 -3.62
CA THR D 59 -26.86 14.84 -3.67
C THR D 59 -25.42 14.72 -4.12
C THR D 59 -25.40 14.72 -4.11
N ALA D 60 -25.05 13.65 -4.86
CA ALA D 60 -23.68 13.45 -5.40
C ALA D 60 -23.37 14.51 -6.46
N THR D 61 -24.39 14.87 -7.28
CA THR D 61 -24.33 15.94 -8.31
C THR D 61 -24.08 17.31 -7.67
N LEU D 62 -24.80 17.62 -6.56
CA LEU D 62 -24.63 18.89 -5.82
C LEU D 62 -23.23 18.99 -5.23
N VAL D 63 -22.69 17.87 -4.69
CA VAL D 63 -21.31 17.87 -4.17
C VAL D 63 -20.32 18.03 -5.34
N GLY D 64 -20.55 17.32 -6.46
CA GLY D 64 -19.69 17.40 -7.63
C GLY D 64 -19.65 18.80 -8.21
N LYS D 65 -20.82 19.51 -8.17
CA LYS D 65 -20.93 20.92 -8.59
C LYS D 65 -19.96 21.75 -7.78
N GLN D 66 -19.97 21.55 -6.45
CA GLN D 66 -19.11 22.26 -5.51
C GLN D 66 -17.65 21.93 -5.68
N ILE D 67 -17.31 20.68 -6.05
CA ILE D 67 -15.92 20.25 -6.30
C ILE D 67 -15.38 20.97 -7.58
N VAL D 68 -16.20 20.97 -8.66
CA VAL D 68 -15.89 21.58 -9.96
C VAL D 68 -15.77 23.10 -9.83
N GLU D 69 -16.71 23.74 -9.08
CA GLU D 69 -16.69 25.20 -8.82
C GLU D 69 -15.37 25.59 -8.17
N TRP D 70 -14.91 24.78 -7.18
CA TRP D 70 -13.64 24.95 -6.49
C TRP D 70 -12.48 24.76 -7.46
N ILE D 71 -12.59 23.78 -8.39
CA ILE D 71 -11.55 23.50 -9.39
C ILE D 71 -11.44 24.70 -10.33
N LEU D 72 -12.59 25.19 -10.86
CA LEU D 72 -12.64 26.31 -11.80
C LEU D 72 -12.13 27.60 -11.15
N LYS D 73 -12.42 27.79 -9.83
CA LYS D 73 -11.94 28.93 -9.04
C LYS D 73 -10.41 28.86 -8.93
N GLU D 74 -9.84 27.65 -8.74
CA GLU D 74 -8.40 27.43 -8.58
C GLU D 74 -7.71 27.19 -9.94
N MET E 4 -17.48 17.81 -42.58
CA MET E 4 -17.47 18.68 -41.39
C MET E 4 -18.87 18.88 -40.83
N ASP E 5 -19.01 18.82 -39.48
CA ASP E 5 -20.29 19.00 -38.77
C ASP E 5 -20.12 19.84 -37.50
N SER E 6 -21.00 20.84 -37.34
CA SER E 6 -21.01 21.80 -36.23
C SER E 6 -21.20 21.15 -34.85
N ASN E 7 -22.21 20.23 -34.71
CA ASN E 7 -22.50 19.51 -33.46
C ASN E 7 -21.34 18.61 -33.09
N THR E 8 -20.65 18.03 -34.10
CA THR E 8 -19.47 17.20 -33.87
C THR E 8 -18.33 18.03 -33.26
N MET E 9 -18.15 19.25 -33.77
CA MET E 9 -17.11 20.15 -33.29
C MET E 9 -17.40 20.63 -31.87
N SER E 10 -18.66 21.03 -31.60
N SER E 10 -18.64 21.04 -31.59
CA SER E 10 -19.10 21.49 -30.29
CA SER E 10 -19.11 21.49 -30.28
C SER E 10 -19.05 20.37 -29.23
C SER E 10 -18.99 20.36 -29.25
N SER E 11 -19.35 19.11 -29.65
CA SER E 11 -19.29 17.92 -28.77
C SER E 11 -17.85 17.63 -28.40
N PHE E 12 -16.94 17.80 -29.37
CA PHE E 12 -15.51 17.65 -29.16
C PHE E 12 -14.97 18.71 -28.19
N GLN E 13 -15.38 19.98 -28.36
CA GLN E 13 -14.93 21.09 -27.50
C GLN E 13 -15.38 20.86 -26.05
N VAL E 14 -16.68 20.55 -25.84
CA VAL E 14 -17.23 20.27 -24.52
C VAL E 14 -16.51 19.08 -23.86
N ASP E 15 -16.25 17.98 -24.62
CA ASP E 15 -15.50 16.82 -24.12
C ASP E 15 -14.07 17.17 -23.75
N CYS E 16 -13.40 18.06 -24.51
CA CYS E 16 -12.03 18.47 -24.18
C CYS E 16 -12.01 19.22 -22.84
N PHE E 17 -12.97 20.12 -22.63
CA PHE E 17 -13.00 20.88 -21.39
C PHE E 17 -13.39 20.03 -20.17
N LEU E 18 -14.32 19.10 -20.32
CA LEU E 18 -14.70 18.23 -19.20
C LEU E 18 -13.55 17.31 -18.82
N TRP E 19 -12.73 16.91 -19.80
CA TRP E 19 -11.53 16.10 -19.54
C TRP E 19 -10.53 16.92 -18.74
N HIS E 20 -10.37 18.21 -19.10
CA HIS E 20 -9.47 19.14 -18.39
C HIS E 20 -9.86 19.24 -16.91
N ILE E 21 -11.16 19.32 -16.62
CA ILE E 21 -11.69 19.40 -15.24
C ILE E 21 -11.27 18.10 -14.50
N ARG E 22 -11.52 16.93 -15.14
CA ARG E 22 -11.15 15.60 -14.64
C ARG E 22 -9.65 15.51 -14.39
N LYS E 23 -8.87 16.13 -15.26
CA LYS E 23 -7.44 16.23 -15.13
C LYS E 23 -7.01 17.03 -13.92
N ARG E 24 -7.61 18.19 -13.75
CA ARG E 24 -7.51 19.04 -12.58
C ARG E 24 -7.78 18.29 -11.30
N PHE E 25 -8.90 17.64 -11.29
CA PHE E 25 -9.42 16.81 -10.19
C PHE E 25 -8.36 15.71 -9.85
N ALA E 26 -7.85 14.99 -10.89
CA ALA E 26 -6.84 13.94 -10.73
C ALA E 26 -5.52 14.51 -10.19
N ASP E 27 -5.14 15.74 -10.61
CA ASP E 27 -3.94 16.45 -10.16
C ASP E 27 -4.01 16.82 -8.66
N ASN E 28 -5.24 16.92 -8.12
CA ASN E 28 -5.48 17.21 -6.70
C ASN E 28 -5.51 15.91 -5.86
N GLY E 29 -5.17 14.78 -6.50
CA GLY E 29 -5.13 13.45 -5.89
C GLY E 29 -6.48 12.96 -5.41
N LEU E 30 -7.56 13.30 -6.13
CA LEU E 30 -8.93 12.94 -5.75
C LEU E 30 -9.54 11.76 -6.51
N GLY E 31 -8.84 11.32 -7.55
CA GLY E 31 -9.32 10.23 -8.36
C GLY E 31 -8.90 8.89 -7.81
N ASP E 32 -9.79 7.89 -7.92
CA ASP E 32 -9.46 6.52 -7.54
C ASP E 32 -8.82 5.85 -8.81
N ALA E 33 -8.44 4.55 -8.74
CA ALA E 33 -7.85 3.85 -9.90
C ALA E 33 -8.78 3.81 -11.17
N PRO E 34 -10.08 3.44 -11.10
CA PRO E 34 -10.92 3.46 -12.32
C PRO E 34 -11.08 4.86 -12.94
N PHE E 35 -11.19 5.94 -12.10
CA PHE E 35 -11.30 7.33 -12.59
C PHE E 35 -10.04 7.69 -13.40
N LEU E 36 -8.86 7.37 -12.84
CA LEU E 36 -7.56 7.61 -13.46
C LEU E 36 -7.38 6.80 -14.75
N ASP E 37 -8.05 5.62 -14.84
CA ASP E 37 -8.03 4.74 -16.02
C ASP E 37 -8.86 5.36 -17.13
N ARG E 38 -10.06 5.86 -16.79
CA ARG E 38 -10.97 6.54 -17.73
C ARG E 38 -10.30 7.82 -18.22
N LEU E 39 -9.60 8.56 -17.34
CA LEU E 39 -8.87 9.77 -17.70
C LEU E 39 -7.81 9.47 -18.78
N ARG E 40 -6.98 8.43 -18.57
CA ARG E 40 -5.92 7.98 -19.49
C ARG E 40 -6.50 7.55 -20.85
N ARG E 41 -7.56 6.73 -20.82
CA ARG E 41 -8.25 6.19 -21.98
C ARG E 41 -8.86 7.31 -22.82
N ASP E 42 -9.69 8.20 -22.20
CA ASP E 42 -10.33 9.32 -22.88
C ASP E 42 -9.39 10.33 -23.50
N GLN E 43 -8.20 10.55 -22.91
CA GLN E 43 -7.19 11.46 -23.43
C GLN E 43 -6.69 10.97 -24.78
N LYS E 44 -6.45 9.63 -24.89
CA LYS E 44 -6.00 8.95 -26.10
C LYS E 44 -7.10 9.06 -27.14
N SER E 45 -8.35 8.88 -26.70
CA SER E 45 -9.55 8.95 -27.54
C SER E 45 -9.76 10.39 -28.11
N LEU E 46 -9.53 11.43 -27.28
CA LEU E 46 -9.66 12.84 -27.67
C LEU E 46 -8.58 13.25 -28.64
N LYS E 47 -7.36 12.70 -28.48
CA LYS E 47 -6.23 12.92 -29.39
C LYS E 47 -6.59 12.36 -30.77
N GLY E 48 -7.21 11.17 -30.79
CA GLY E 48 -7.69 10.52 -32.00
C GLY E 48 -8.76 11.32 -32.68
N ARG E 49 -9.77 11.78 -31.91
CA ARG E 49 -10.90 12.57 -32.40
C ARG E 49 -10.43 13.91 -32.98
N GLY E 50 -9.51 14.58 -32.29
CA GLY E 50 -8.91 15.84 -32.70
C GLY E 50 -8.19 15.72 -34.03
N ASN E 51 -7.45 14.60 -34.20
CA ASN E 51 -6.71 14.30 -35.42
C ASN E 51 -7.66 14.14 -36.61
N THR E 52 -8.74 13.37 -36.42
CA THR E 52 -9.80 13.12 -37.41
C THR E 52 -10.49 14.42 -37.84
N LEU E 53 -10.83 15.29 -36.86
CA LEU E 53 -11.54 16.56 -37.14
C LEU E 53 -10.62 17.68 -37.63
N GLY E 54 -9.31 17.50 -37.45
CA GLY E 54 -8.32 18.51 -37.76
C GLY E 54 -8.37 19.65 -36.76
N LEU E 55 -8.76 19.33 -35.50
CA LEU E 55 -8.88 20.32 -34.42
C LEU E 55 -7.89 20.07 -33.28
N ASP E 56 -7.23 21.15 -32.83
CA ASP E 56 -6.29 21.22 -31.74
C ASP E 56 -7.05 21.07 -30.38
N ILE E 57 -6.55 20.23 -29.47
CA ILE E 57 -7.19 19.99 -28.16
C ILE E 57 -7.17 21.25 -27.31
N GLU E 58 -6.02 21.94 -27.27
CA GLU E 58 -5.78 23.15 -26.49
C GLU E 58 -6.83 24.21 -26.78
N THR E 59 -7.04 24.53 -28.08
CA THR E 59 -8.07 25.53 -28.47
C THR E 59 -9.49 25.01 -28.28
N ALA E 60 -9.72 23.69 -28.46
CA ALA E 60 -11.04 23.09 -28.21
C ALA E 60 -11.43 23.17 -26.72
N THR E 61 -10.46 22.98 -25.82
CA THR E 61 -10.64 23.06 -24.36
C THR E 61 -11.10 24.47 -23.98
N LEU E 62 -10.49 25.50 -24.59
CA LEU E 62 -10.84 26.91 -24.34
C LEU E 62 -12.24 27.25 -24.77
N VAL E 63 -12.71 26.72 -25.91
CA VAL E 63 -14.09 26.93 -26.40
C VAL E 63 -15.05 26.11 -25.55
N GLY E 64 -14.69 24.87 -25.23
CA GLY E 64 -15.50 24.01 -24.37
C GLY E 64 -15.78 24.70 -23.04
N LYS E 65 -14.73 25.39 -22.52
CA LYS E 65 -14.79 26.17 -21.29
C LYS E 65 -15.88 27.24 -21.36
N GLN E 66 -15.93 27.96 -22.50
CA GLN E 66 -16.90 29.02 -22.73
C GLN E 66 -18.31 28.48 -22.95
N ILE E 67 -18.45 27.33 -23.63
CA ILE E 67 -19.77 26.70 -23.84
C ILE E 67 -20.30 26.26 -22.44
N VAL E 68 -19.43 25.64 -21.59
CA VAL E 68 -19.79 25.18 -20.24
C VAL E 68 -20.15 26.39 -19.36
N GLU E 69 -19.35 27.48 -19.45
CA GLU E 69 -19.60 28.72 -18.70
C GLU E 69 -20.98 29.26 -19.04
N TRP E 70 -21.34 29.26 -20.35
CA TRP E 70 -22.66 29.69 -20.84
C TRP E 70 -23.77 28.79 -20.29
N ILE E 71 -23.52 27.45 -20.22
CA ILE E 71 -24.46 26.46 -19.69
C ILE E 71 -24.67 26.67 -18.16
N LEU E 72 -23.56 26.76 -17.39
CA LEU E 72 -23.60 26.96 -15.94
C LEU E 72 -24.17 28.31 -15.50
N LYS E 73 -23.91 29.39 -16.29
CA LYS E 73 -24.40 30.75 -16.04
C LYS E 73 -25.94 30.76 -16.20
N GLU E 74 -26.45 29.95 -17.16
CA GLU E 74 -27.87 29.78 -17.45
C GLU E 74 -28.63 29.07 -16.31
N GLU E 75 -27.89 28.33 -15.44
CA GLU E 75 -28.44 27.64 -14.28
C GLU E 75 -28.12 28.38 -12.98
N MET F 4 18.57 -7.72 -50.05
CA MET F 4 17.92 -6.67 -49.26
C MET F 4 16.55 -7.09 -48.78
N ASP F 5 16.19 -6.72 -47.54
CA ASP F 5 14.88 -7.06 -46.97
C ASP F 5 14.40 -5.94 -46.05
N SER F 6 13.21 -5.44 -46.30
CA SER F 6 12.69 -4.34 -45.54
C SER F 6 12.38 -4.75 -44.08
N ASN F 7 11.83 -5.95 -43.86
CA ASN F 7 11.68 -6.49 -42.51
C ASN F 7 13.01 -6.61 -41.79
N THR F 8 14.04 -7.00 -42.52
CA THR F 8 15.39 -7.08 -41.97
C THR F 8 15.84 -5.71 -41.47
N MET F 9 15.54 -4.65 -42.25
CA MET F 9 15.92 -3.27 -41.93
C MET F 9 15.06 -2.72 -40.77
N SER F 10 13.74 -2.97 -40.79
CA SER F 10 12.83 -2.56 -39.71
C SER F 10 13.21 -3.24 -38.40
N SER F 11 13.60 -4.54 -38.46
CA SER F 11 14.01 -5.34 -37.31
C SER F 11 15.33 -4.83 -36.73
N PHE F 12 16.25 -4.36 -37.61
CA PHE F 12 17.50 -3.77 -37.16
C PHE F 12 17.25 -2.45 -36.44
N GLN F 13 16.32 -1.63 -36.98
CA GLN F 13 15.94 -0.33 -36.45
C GLN F 13 15.32 -0.46 -35.03
N VAL F 14 14.34 -1.39 -34.88
N VAL F 14 14.35 -1.38 -34.85
CA VAL F 14 13.67 -1.65 -33.61
CA VAL F 14 13.77 -1.55 -33.51
C VAL F 14 14.64 -2.19 -32.55
C VAL F 14 14.73 -2.14 -32.52
N ASP F 15 15.56 -3.10 -32.95
CA ASP F 15 16.59 -3.67 -32.07
C ASP F 15 17.58 -2.63 -31.61
N CYS F 16 17.92 -1.67 -32.50
CA CYS F 16 18.83 -0.56 -32.20
C CYS F 16 18.21 0.35 -31.13
N PHE F 17 16.93 0.72 -31.30
CA PHE F 17 16.27 1.60 -30.34
C PHE F 17 16.04 0.91 -28.99
N LEU F 18 15.72 -0.40 -29.00
CA LEU F 18 15.52 -1.15 -27.75
C LEU F 18 16.84 -1.30 -27.00
N TRP F 19 17.97 -1.38 -27.75
CA TRP F 19 19.29 -1.46 -27.15
C TRP F 19 19.57 -0.12 -26.47
N HIS F 20 19.17 1.00 -27.11
CA HIS F 20 19.34 2.35 -26.58
C HIS F 20 18.57 2.53 -25.24
N ILE F 21 17.34 1.97 -25.14
CA ILE F 21 16.53 2.00 -23.93
C ILE F 21 17.28 1.23 -22.83
N ARG F 22 17.80 0.05 -23.20
CA ARG F 22 18.57 -0.83 -22.31
C ARG F 22 19.84 -0.16 -21.79
N LYS F 23 20.53 0.60 -22.66
CA LYS F 23 21.73 1.36 -22.32
C LYS F 23 21.38 2.45 -21.31
N ARG F 24 20.27 3.17 -21.54
CA ARG F 24 19.79 4.24 -20.65
C ARG F 24 19.42 3.65 -19.28
N PHE F 25 18.78 2.47 -19.30
CA PHE F 25 18.42 1.71 -18.10
C PHE F 25 19.71 1.40 -17.30
N ALA F 26 20.75 0.89 -17.99
CA ALA F 26 22.06 0.56 -17.41
C ALA F 26 22.80 1.79 -16.88
N ASP F 27 22.70 2.95 -17.57
CA ASP F 27 23.31 4.22 -17.17
C ASP F 27 22.74 4.71 -15.83
N ASN F 28 21.47 4.33 -15.53
CA ASN F 28 20.76 4.66 -14.29
C ASN F 28 21.15 3.70 -13.15
N GLY F 29 21.99 2.71 -13.46
CA GLY F 29 22.50 1.68 -12.56
C GLY F 29 21.47 0.62 -12.17
N LEU F 30 20.51 0.36 -13.06
CA LEU F 30 19.38 -0.55 -12.81
C LEU F 30 19.60 -2.00 -13.26
N GLY F 31 20.70 -2.23 -13.96
CA GLY F 31 21.00 -3.57 -14.44
C GLY F 31 21.84 -4.41 -13.50
N ASP F 32 21.55 -5.71 -13.42
CA ASP F 32 22.36 -6.64 -12.65
C ASP F 32 23.50 -7.12 -13.61
N ALA F 33 24.43 -7.97 -13.15
CA ALA F 33 25.55 -8.42 -13.99
C ALA F 33 25.12 -9.15 -15.29
N PRO F 34 24.16 -10.13 -15.29
CA PRO F 34 23.73 -10.74 -16.56
C PRO F 34 23.08 -9.75 -17.55
N PHE F 35 22.35 -8.73 -17.04
CA PHE F 35 21.76 -7.69 -17.92
C PHE F 35 22.88 -6.91 -18.61
N LEU F 36 23.88 -6.49 -17.82
CA LEU F 36 25.03 -5.73 -18.33
C LEU F 36 25.87 -6.54 -19.32
N ASP F 37 25.86 -7.88 -19.18
CA ASP F 37 26.55 -8.80 -20.08
C ASP F 37 25.83 -8.88 -21.43
N ARG F 38 24.48 -9.01 -21.41
CA ARG F 38 23.66 -9.06 -22.63
C ARG F 38 23.77 -7.73 -23.36
N LEU F 39 23.87 -6.60 -22.62
CA LEU F 39 24.02 -5.26 -23.18
C LEU F 39 25.30 -5.14 -24.03
N ARG F 40 26.43 -5.55 -23.45
CA ARG F 40 27.77 -5.54 -24.05
C ARG F 40 27.80 -6.50 -25.28
N ARG F 41 27.22 -7.70 -25.13
CA ARG F 41 27.13 -8.69 -26.19
C ARG F 41 26.31 -8.17 -27.37
N ASP F 42 25.11 -7.62 -27.09
CA ASP F 42 24.20 -7.10 -28.11
C ASP F 42 24.72 -5.90 -28.86
N GLN F 43 25.51 -5.03 -28.20
CA GLN F 43 26.10 -3.84 -28.84
C GLN F 43 27.08 -4.30 -29.94
N LYS F 44 27.86 -5.36 -29.64
CA LYS F 44 28.83 -5.97 -30.54
C LYS F 44 28.07 -6.60 -31.72
N SER F 45 26.96 -7.30 -31.41
CA SER F 45 26.08 -7.94 -32.39
C SER F 45 25.42 -6.92 -33.35
N LEU F 46 24.94 -5.78 -32.81
CA LEU F 46 24.31 -4.72 -33.60
C LEU F 46 25.31 -3.99 -34.53
N LYS F 47 26.59 -3.89 -34.12
CA LYS F 47 27.67 -3.30 -34.92
C LYS F 47 27.90 -4.22 -36.14
N GLY F 48 27.88 -5.53 -35.90
CA GLY F 48 28.00 -6.58 -36.91
C GLY F 48 26.89 -6.51 -37.95
N ARG F 49 25.64 -6.50 -37.45
CA ARG F 49 24.44 -6.40 -38.31
C ARG F 49 24.44 -5.10 -39.14
N GLY F 50 24.83 -3.98 -38.54
CA GLY F 50 24.91 -2.67 -39.19
C GLY F 50 25.86 -2.68 -40.36
N ASN F 51 27.00 -3.35 -40.19
CA ASN F 51 28.04 -3.51 -41.21
C ASN F 51 27.52 -4.41 -42.35
N THR F 52 26.89 -5.54 -42.01
CA THR F 52 26.29 -6.50 -42.95
C THR F 52 25.16 -5.86 -43.79
N LEU F 53 24.32 -5.02 -43.16
CA LEU F 53 23.21 -4.36 -43.84
C LEU F 53 23.60 -3.06 -44.52
N GLY F 54 24.75 -2.50 -44.14
CA GLY F 54 25.22 -1.22 -44.65
C GLY F 54 24.42 -0.08 -44.07
N LEU F 55 23.92 -0.26 -42.84
CA LEU F 55 23.12 0.76 -42.15
C LEU F 55 23.83 1.26 -40.89
N ASP F 56 23.92 2.59 -40.69
N ASP F 56 23.85 2.58 -40.68
CA ASP F 56 24.57 3.08 -39.48
CA ASP F 56 24.46 3.23 -39.51
C ASP F 56 23.59 3.01 -38.30
C ASP F 56 23.54 3.04 -38.29
N ILE F 57 24.12 2.67 -37.11
CA ILE F 57 23.36 2.49 -35.85
C ILE F 57 22.59 3.76 -35.45
N GLU F 58 23.26 4.92 -35.49
CA GLU F 58 22.69 6.22 -35.15
C GLU F 58 21.34 6.52 -35.83
N THR F 59 21.27 6.45 -37.19
CA THR F 59 20.00 6.72 -37.88
C THR F 59 18.99 5.59 -37.68
N ALA F 60 19.46 4.34 -37.56
CA ALA F 60 18.57 3.18 -37.32
C ALA F 60 17.89 3.32 -35.95
N THR F 61 18.64 3.81 -34.95
CA THR F 61 18.10 4.07 -33.62
C THR F 61 16.97 5.08 -33.69
N LEU F 62 17.13 6.15 -34.50
CA LEU F 62 16.10 7.20 -34.65
C LEU F 62 14.85 6.70 -35.31
N VAL F 63 14.98 5.85 -36.35
CA VAL F 63 13.83 5.26 -37.01
C VAL F 63 13.17 4.29 -36.06
N GLY F 64 13.96 3.49 -35.36
CA GLY F 64 13.44 2.54 -34.38
C GLY F 64 12.63 3.23 -33.31
N LYS F 65 13.07 4.46 -32.91
CA LYS F 65 12.35 5.29 -31.95
C LYS F 65 10.95 5.58 -32.46
N GLN F 66 10.82 6.03 -33.74
CA GLN F 66 9.54 6.36 -34.36
C GLN F 66 8.64 5.18 -34.56
N ILE F 67 9.22 3.99 -34.86
CA ILE F 67 8.46 2.75 -35.00
C ILE F 67 7.89 2.40 -33.59
N VAL F 68 8.76 2.39 -32.55
CA VAL F 68 8.36 2.09 -31.16
C VAL F 68 7.30 3.09 -30.63
N GLU F 69 7.46 4.41 -30.93
CA GLU F 69 6.50 5.44 -30.54
C GLU F 69 5.16 5.19 -31.19
N TRP F 70 5.16 4.74 -32.45
CA TRP F 70 3.94 4.36 -33.16
C TRP F 70 3.28 3.14 -32.46
N ILE F 71 4.12 2.16 -32.01
CA ILE F 71 3.66 0.96 -31.30
C ILE F 71 2.99 1.32 -29.95
N LEU F 72 3.69 2.13 -29.11
CA LEU F 72 3.20 2.60 -27.82
C LEU F 72 1.91 3.45 -27.94
N LYS F 73 1.79 4.25 -29.03
CA LYS F 73 0.62 5.08 -29.34
C LYS F 73 -0.61 4.21 -29.59
N GLU F 74 -0.42 3.08 -30.34
CA GLU F 74 -1.46 2.11 -30.67
C GLU F 74 -1.88 1.26 -29.46
N GLU F 75 -1.03 1.20 -28.41
CA GLU F 75 -1.25 0.47 -27.17
C GLU F 75 -2.04 1.33 -26.18
N ALA G 3 -5.75 23.75 -1.19
CA ALA G 3 -5.70 22.36 -1.67
C ALA G 3 -7.00 21.60 -1.35
N MET G 4 -7.29 20.52 -2.11
CA MET G 4 -8.48 19.68 -1.93
C MET G 4 -8.08 18.25 -1.56
N ASP G 5 -8.78 17.65 -0.57
CA ASP G 5 -8.52 16.27 -0.12
C ASP G 5 -9.82 15.51 0.14
N SER G 6 -9.93 14.30 -0.42
CA SER G 6 -11.11 13.45 -0.30
C SER G 6 -11.43 13.08 1.12
N ASN G 7 -10.41 12.75 1.94
CA ASN G 7 -10.60 12.41 3.35
C ASN G 7 -11.08 13.64 4.11
N THR G 8 -10.55 14.82 3.75
CA THR G 8 -10.94 16.11 4.37
C THR G 8 -12.43 16.38 4.16
N MET G 9 -12.89 16.10 2.95
CA MET G 9 -14.27 16.24 2.54
C MET G 9 -15.17 15.25 3.25
N SER G 10 -14.80 13.95 3.24
N SER G 10 -14.81 13.95 3.23
CA SER G 10 -15.53 12.88 3.93
CA SER G 10 -15.56 12.89 3.91
C SER G 10 -15.62 13.16 5.43
C SER G 10 -15.62 13.14 5.43
N SER G 11 -14.53 13.66 6.01
CA SER G 11 -14.46 14.01 7.44
C SER G 11 -15.40 15.18 7.78
N PHE G 12 -15.51 16.17 6.85
CA PHE G 12 -16.42 17.33 7.01
C PHE G 12 -17.86 16.86 6.96
N GLN G 13 -18.19 15.94 6.01
CA GLN G 13 -19.53 15.42 5.86
C GLN G 13 -19.99 14.65 7.11
N VAL G 14 -19.12 13.77 7.63
CA VAL G 14 -19.45 12.98 8.82
C VAL G 14 -19.62 13.89 10.06
N ASP G 15 -18.70 14.86 10.23
CA ASP G 15 -18.79 15.84 11.33
C ASP G 15 -20.06 16.67 11.25
N CYS G 16 -20.52 17.03 10.01
CA CYS G 16 -21.79 17.76 9.81
C CYS G 16 -22.97 16.90 10.24
N PHE G 17 -23.00 15.59 9.85
CA PHE G 17 -24.11 14.73 10.26
C PHE G 17 -24.10 14.46 11.75
N LEU G 18 -22.90 14.33 12.33
CA LEU G 18 -22.84 14.08 13.77
C LEU G 18 -23.24 15.32 14.57
N TRP G 19 -23.00 16.52 14.04
CA TRP G 19 -23.42 17.76 14.72
C TRP G 19 -24.96 17.81 14.70
N HIS G 20 -25.58 17.40 13.56
CA HIS G 20 -27.03 17.34 13.38
C HIS G 20 -27.64 16.42 14.44
N ILE G 21 -26.98 15.26 14.73
CA ILE G 21 -27.46 14.32 15.75
C ILE G 21 -27.44 15.00 17.12
N ARG G 22 -26.30 15.63 17.45
CA ARG G 22 -26.13 16.34 18.71
C ARG G 22 -27.15 17.47 18.87
N LYS G 23 -27.45 18.20 17.77
CA LYS G 23 -28.42 19.29 17.82
C LYS G 23 -29.81 18.75 18.12
N ARG G 24 -30.21 17.66 17.45
N ARG G 24 -30.21 17.66 17.45
CA ARG G 24 -31.51 17.01 17.66
CA ARG G 24 -31.50 17.01 17.66
C ARG G 24 -31.64 16.54 19.11
C ARG G 24 -31.64 16.54 19.11
N PHE G 25 -30.53 16.03 19.70
CA PHE G 25 -30.45 15.58 21.12
C PHE G 25 -30.66 16.82 22.04
N ALA G 26 -29.96 17.92 21.76
CA ALA G 26 -30.04 19.21 22.45
C ALA G 26 -31.46 19.76 22.37
N ASP G 27 -32.10 19.66 21.18
CA ASP G 27 -33.47 20.09 20.93
C ASP G 27 -34.44 19.41 21.89
N ASN G 28 -34.22 18.11 22.15
CA ASN G 28 -35.01 17.29 23.08
C ASN G 28 -34.79 17.63 24.56
N GLY G 29 -33.93 18.62 24.84
CA GLY G 29 -33.66 19.12 26.19
C GLY G 29 -32.81 18.21 27.04
N LEU G 30 -31.94 17.44 26.38
CA LEU G 30 -31.10 16.43 27.03
C LEU G 30 -29.65 16.80 27.25
N GLY G 31 -29.18 17.90 26.67
CA GLY G 31 -27.78 18.27 26.87
C GLY G 31 -27.50 18.98 28.17
N ASP G 32 -26.28 18.82 28.71
CA ASP G 32 -25.87 19.56 29.89
C ASP G 32 -25.16 20.85 29.39
N ALA G 33 -24.69 21.73 30.29
CA ALA G 33 -24.07 23.00 29.88
C ALA G 33 -22.80 22.82 29.04
N PRO G 34 -21.86 21.94 29.42
CA PRO G 34 -20.67 21.74 28.55
C PRO G 34 -21.05 21.18 27.18
N PHE G 35 -22.10 20.33 27.09
CA PHE G 35 -22.57 19.77 25.81
C PHE G 35 -23.12 20.87 24.87
N LEU G 36 -23.97 21.75 25.42
CA LEU G 36 -24.59 22.83 24.64
C LEU G 36 -23.54 23.85 24.22
N ASP G 37 -22.53 24.03 25.07
CA ASP G 37 -21.42 24.93 24.77
C ASP G 37 -20.56 24.39 23.62
N ARG G 38 -20.23 23.07 23.66
CA ARG G 38 -19.44 22.41 22.61
C ARG G 38 -20.22 22.47 21.31
N LEU G 39 -21.55 22.29 21.37
CA LEU G 39 -22.44 22.35 20.23
C LEU G 39 -22.41 23.73 19.54
N ARG G 40 -22.41 24.80 20.34
CA ARG G 40 -22.34 26.18 19.86
C ARG G 40 -20.98 26.43 19.17
N ARG G 41 -19.87 26.06 19.86
CA ARG G 41 -18.51 26.21 19.34
C ARG G 41 -18.31 25.42 18.05
N ASP G 42 -18.82 24.17 18.00
CA ASP G 42 -18.68 23.29 16.82
C ASP G 42 -19.42 23.77 15.60
N GLN G 43 -20.62 24.38 15.78
CA GLN G 43 -21.39 24.90 14.65
C GLN G 43 -20.60 26.00 13.94
N LYS G 44 -19.96 26.87 14.72
CA LYS G 44 -19.11 27.97 14.24
C LYS G 44 -17.90 27.41 13.50
N SER G 45 -17.23 26.37 14.09
CA SER G 45 -16.06 25.70 13.47
C SER G 45 -16.45 25.03 12.17
N LEU G 46 -17.64 24.43 12.12
CA LEU G 46 -18.14 23.77 10.90
C LEU G 46 -18.46 24.76 9.78
N LYS G 47 -19.01 25.95 10.14
CA LYS G 47 -19.29 27.01 9.16
C LYS G 47 -17.96 27.46 8.53
N GLY G 48 -16.95 27.70 9.37
CA GLY G 48 -15.60 28.08 8.97
C GLY G 48 -14.93 27.03 8.10
N ARG G 49 -15.10 25.74 8.46
CA ARG G 49 -14.57 24.61 7.69
C ARG G 49 -15.22 24.51 6.33
N GLY G 50 -16.53 24.72 6.25
CA GLY G 50 -17.27 24.71 5.00
C GLY G 50 -16.86 25.84 4.07
N ASN G 51 -16.52 27.00 4.66
CA ASN G 51 -16.06 28.16 3.90
C ASN G 51 -14.67 27.91 3.32
N THR G 52 -13.74 27.39 4.15
CA THR G 52 -12.39 27.02 3.73
C THR G 52 -12.43 25.96 2.60
N LEU G 53 -13.35 24.98 2.70
CA LEU G 53 -13.47 23.89 1.73
C LEU G 53 -14.31 24.19 0.50
N GLY G 54 -15.16 25.20 0.57
CA GLY G 54 -16.11 25.53 -0.48
C GLY G 54 -17.26 24.55 -0.48
N LEU G 55 -17.69 24.07 0.71
CA LEU G 55 -18.80 23.10 0.80
C LEU G 55 -19.93 23.58 1.69
N ASP G 56 -21.19 23.41 1.25
CA ASP G 56 -22.29 23.83 2.10
C ASP G 56 -22.64 22.75 3.12
N ILE G 57 -22.98 23.18 4.33
CA ILE G 57 -23.33 22.33 5.47
C ILE G 57 -24.51 21.44 5.18
N GLU G 58 -25.58 21.99 4.56
CA GLU G 58 -26.80 21.25 4.26
C GLU G 58 -26.53 19.97 3.46
N THR G 59 -25.81 20.07 2.31
N THR G 59 -25.81 20.10 2.32
CA THR G 59 -25.51 18.89 1.47
CA THR G 59 -25.48 18.97 1.44
C THR G 59 -24.52 17.96 2.14
C THR G 59 -24.51 17.99 2.11
N ALA G 60 -23.50 18.54 2.84
CA ALA G 60 -22.48 17.77 3.57
C ALA G 60 -23.14 16.90 4.66
N THR G 61 -24.18 17.45 5.35
CA THR G 61 -24.97 16.73 6.38
C THR G 61 -25.67 15.50 5.75
N LEU G 62 -26.25 15.69 4.55
CA LEU G 62 -26.92 14.60 3.81
C LEU G 62 -25.97 13.49 3.35
N VAL G 63 -24.74 13.84 2.91
CA VAL G 63 -23.73 12.86 2.47
C VAL G 63 -23.18 12.17 3.75
N GLY G 64 -22.97 12.94 4.81
CA GLY G 64 -22.52 12.43 6.10
C GLY G 64 -23.41 11.34 6.66
N LYS G 65 -24.74 11.53 6.49
CA LYS G 65 -25.78 10.59 6.89
C LYS G 65 -25.65 9.28 6.09
N GLN G 66 -25.44 9.38 4.77
CA GLN G 66 -25.26 8.21 3.88
C GLN G 66 -23.94 7.48 4.21
N ILE G 67 -22.88 8.22 4.56
CA ILE G 67 -21.59 7.59 4.90
C ILE G 67 -21.75 6.74 6.17
N VAL G 68 -22.32 7.34 7.25
CA VAL G 68 -22.59 6.71 8.54
C VAL G 68 -23.52 5.50 8.35
N GLU G 69 -24.62 5.68 7.58
CA GLU G 69 -25.54 4.58 7.28
C GLU G 69 -24.82 3.41 6.61
N TRP G 70 -23.90 3.70 5.64
CA TRP G 70 -23.12 2.66 4.96
C TRP G 70 -22.17 1.92 5.93
N ILE G 71 -21.44 2.68 6.79
CA ILE G 71 -20.51 2.09 7.77
C ILE G 71 -21.25 1.10 8.68
N LEU G 72 -22.35 1.55 9.33
CA LEU G 72 -23.13 0.70 10.24
C LEU G 72 -23.80 -0.50 9.56
N LYS G 73 -24.20 -0.36 8.32
CA LYS G 73 -24.85 -1.43 7.60
C LYS G 73 -23.91 -2.37 6.88
N GLU G 74 -22.87 -1.85 6.25
CA GLU G 74 -21.97 -2.69 5.46
C GLU G 74 -20.46 -2.64 5.74
N GLU G 75 -19.98 -1.47 6.16
CA GLU G 75 -18.56 -1.10 6.37
C GLU G 75 -17.60 -1.52 5.23
N ASP H 5 -7.80 -0.15 24.52
CA ASP H 5 -6.71 -0.86 25.18
C ASP H 5 -6.37 -2.15 24.45
N SER H 6 -7.37 -2.99 24.12
CA SER H 6 -7.04 -4.22 23.39
C SER H 6 -6.56 -3.89 21.94
N ASN H 7 -7.11 -2.82 21.31
CA ASN H 7 -6.68 -2.30 20.01
C ASN H 7 -5.21 -1.83 20.07
N THR H 8 -4.79 -1.24 21.22
CA THR H 8 -3.40 -0.82 21.44
C THR H 8 -2.47 -2.04 21.43
N MET H 9 -2.90 -3.13 22.06
N MET H 9 -2.91 -3.15 22.05
CA MET H 9 -2.10 -4.36 22.10
CA MET H 9 -2.16 -4.39 22.11
C MET H 9 -2.01 -5.02 20.72
C MET H 9 -2.01 -4.99 20.70
N SER H 10 -3.15 -5.18 20.00
CA SER H 10 -3.18 -5.73 18.63
C SER H 10 -2.40 -4.84 17.65
N SER H 11 -2.51 -3.49 17.76
CA SER H 11 -1.71 -2.58 16.92
C SER H 11 -0.19 -2.76 17.16
N PHE H 12 0.21 -3.02 18.41
CA PHE H 12 1.64 -3.25 18.75
C PHE H 12 2.13 -4.59 18.17
N GLN H 13 1.29 -5.63 18.27
CA GLN H 13 1.61 -6.96 17.75
C GLN H 13 1.83 -6.95 16.22
N VAL H 14 0.90 -6.35 15.48
N VAL H 14 0.91 -6.35 15.45
CA VAL H 14 1.00 -6.25 14.03
CA VAL H 14 1.08 -6.26 14.00
C VAL H 14 2.17 -5.34 13.59
C VAL H 14 2.25 -5.38 13.62
N ASP H 15 2.43 -4.23 14.32
CA ASP H 15 3.56 -3.33 14.03
C ASP H 15 4.87 -4.08 14.27
N CYS H 16 4.94 -4.96 15.31
CA CYS H 16 6.13 -5.78 15.59
C CYS H 16 6.37 -6.75 14.44
N PHE H 17 5.32 -7.45 13.99
CA PHE H 17 5.48 -8.41 12.91
C PHE H 17 5.84 -7.75 11.56
N LEU H 18 5.25 -6.57 11.24
CA LEU H 18 5.56 -5.90 9.98
C LEU H 18 6.99 -5.35 10.03
N TRP H 19 7.49 -4.94 11.24
CA TRP H 19 8.88 -4.49 11.40
C TRP H 19 9.79 -5.68 11.08
N HIS H 20 9.45 -6.89 11.59
CA HIS H 20 10.19 -8.13 11.34
C HIS H 20 10.32 -8.42 9.81
N ILE H 21 9.19 -8.27 9.05
CA ILE H 21 9.17 -8.46 7.59
C ILE H 21 10.19 -7.48 6.97
N ARG H 22 10.08 -6.20 7.35
CA ARG H 22 10.96 -5.12 6.87
C ARG H 22 12.42 -5.43 7.16
N LYS H 23 12.70 -6.00 8.34
CA LYS H 23 14.04 -6.40 8.76
C LYS H 23 14.59 -7.49 7.83
N ARG H 24 13.77 -8.50 7.53
CA ARG H 24 14.14 -9.59 6.62
C ARG H 24 14.43 -9.04 5.21
N PHE H 25 13.60 -8.06 4.77
CA PHE H 25 13.74 -7.37 3.50
C PHE H 25 15.08 -6.59 3.48
N ALA H 26 15.33 -5.77 4.52
CA ALA H 26 16.55 -4.98 4.66
C ALA H 26 17.81 -5.86 4.57
N ASP H 27 17.81 -6.97 5.31
CA ASP H 27 18.94 -7.89 5.37
C ASP H 27 19.29 -8.52 4.03
N ASN H 28 18.32 -8.61 3.10
CA ASN H 28 18.51 -9.10 1.74
C ASN H 28 19.07 -8.01 0.83
N GLY H 29 19.34 -6.83 1.38
CA GLY H 29 19.90 -5.69 0.67
C GLY H 29 18.95 -5.03 -0.30
N LEU H 30 17.62 -5.07 0.01
CA LEU H 30 16.57 -4.54 -0.86
C LEU H 30 16.08 -3.14 -0.52
N GLY H 31 16.45 -2.65 0.65
CA GLY H 31 16.07 -1.31 1.07
C GLY H 31 17.06 -0.27 0.59
N ASP H 32 16.63 1.00 0.50
CA ASP H 32 17.53 2.09 0.17
C ASP H 32 17.87 2.78 1.51
N ALA H 33 18.69 3.86 1.52
CA ALA H 33 19.03 4.57 2.77
C ALA H 33 17.79 5.03 3.57
N PRO H 34 16.76 5.71 2.99
CA PRO H 34 15.59 6.09 3.80
C PRO H 34 14.86 4.89 4.43
N PHE H 35 14.74 3.76 3.69
CA PHE H 35 14.06 2.56 4.20
C PHE H 35 14.77 2.07 5.46
N LEU H 36 16.10 2.08 5.43
CA LEU H 36 16.94 1.66 6.55
C LEU H 36 16.86 2.61 7.74
N ASP H 37 16.73 3.93 7.48
CA ASP H 37 16.57 4.93 8.53
C ASP H 37 15.23 4.70 9.25
N ARG H 38 14.13 4.44 8.48
CA ARG H 38 12.78 4.16 9.03
C ARG H 38 12.81 2.88 9.87
N LEU H 39 13.51 1.85 9.40
CA LEU H 39 13.67 0.60 10.12
C LEU H 39 14.38 0.81 11.47
N ARG H 40 15.47 1.62 11.48
CA ARG H 40 16.22 1.94 12.69
C ARG H 40 15.35 2.73 13.70
N ARG H 41 14.68 3.79 13.25
N ARG H 41 14.68 3.82 13.25
CA ARG H 41 13.85 4.63 14.11
CA ARG H 41 13.83 4.64 14.12
C ARG H 41 12.65 3.85 14.66
C ARG H 41 12.60 3.90 14.65
N ASP H 42 12.00 3.01 13.81
CA ASP H 42 10.83 2.22 14.22
C ASP H 42 11.17 1.18 15.26
N GLN H 43 12.36 0.61 15.19
CA GLN H 43 12.82 -0.37 16.18
C GLN H 43 12.92 0.30 17.55
N LYS H 44 13.47 1.53 17.60
CA LYS H 44 13.56 2.34 18.82
C LYS H 44 12.14 2.67 19.32
N SER H 45 11.24 3.11 18.41
CA SER H 45 9.84 3.42 18.76
C SER H 45 9.15 2.19 19.33
N LEU H 46 9.33 1.01 18.69
CA LEU H 46 8.75 -0.23 19.15
C LEU H 46 9.26 -0.67 20.52
N LYS H 47 10.57 -0.48 20.80
CA LYS H 47 11.17 -0.82 22.10
C LYS H 47 10.55 0.05 23.22
N GLY H 48 10.29 1.32 22.91
CA GLY H 48 9.64 2.28 23.79
C GLY H 48 8.19 1.91 24.05
N ARG H 49 7.46 1.55 22.99
CA ARG H 49 6.07 1.11 23.10
C ARG H 49 5.98 -0.18 23.92
N GLY H 50 6.87 -1.13 23.67
CA GLY H 50 6.94 -2.39 24.42
C GLY H 50 7.19 -2.20 25.91
N ASN H 51 8.01 -1.19 26.25
CA ASN H 51 8.33 -0.81 27.63
C ASN H 51 7.09 -0.18 28.28
N THR H 52 6.46 0.83 27.61
CA THR H 52 5.24 1.50 28.07
C THR H 52 4.12 0.50 28.34
N LEU H 53 3.93 -0.48 27.43
CA LEU H 53 2.87 -1.48 27.49
C LEU H 53 3.16 -2.69 28.35
N GLY H 54 4.42 -2.90 28.71
CA GLY H 54 4.85 -4.07 29.48
C GLY H 54 4.78 -5.33 28.65
N LEU H 55 4.97 -5.19 27.32
CA LEU H 55 4.89 -6.28 26.36
C LEU H 55 6.21 -6.64 25.73
N ASP H 56 6.56 -7.92 25.81
CA ASP H 56 7.76 -8.49 25.20
C ASP H 56 7.60 -8.45 23.65
N ILE H 57 8.63 -7.95 22.93
CA ILE H 57 8.63 -7.85 21.46
C ILE H 57 8.55 -9.19 20.75
N GLU H 58 9.33 -10.19 21.19
CA GLU H 58 9.34 -11.50 20.54
C GLU H 58 7.95 -12.18 20.61
N THR H 59 7.28 -12.06 21.77
CA THR H 59 5.96 -12.62 22.01
C THR H 59 4.95 -11.91 21.08
N ALA H 60 5.00 -10.57 21.05
CA ALA H 60 4.11 -9.69 20.29
C ALA H 60 4.24 -9.93 18.80
N THR H 61 5.48 -10.12 18.31
CA THR H 61 5.78 -10.42 16.89
C THR H 61 5.07 -11.70 16.47
N LEU H 62 5.11 -12.73 17.32
CA LEU H 62 4.46 -14.02 17.06
C LEU H 62 2.94 -13.89 17.04
N VAL H 63 2.37 -13.03 17.90
CA VAL H 63 0.92 -12.81 17.86
C VAL H 63 0.57 -12.07 16.56
N GLY H 64 1.38 -11.06 16.22
CA GLY H 64 1.23 -10.28 14.99
C GLY H 64 1.31 -11.14 13.74
N LYS H 65 2.24 -12.11 13.74
CA LYS H 65 2.45 -13.04 12.62
C LYS H 65 1.15 -13.79 12.31
N GLN H 66 0.50 -14.34 13.36
N GLN H 66 0.52 -14.35 13.33
CA GLN H 66 -0.75 -15.08 13.27
CA GLN H 66 -0.71 -15.11 13.19
C GLN H 66 -1.88 -14.21 12.70
C GLN H 66 -1.90 -14.23 12.72
N ILE H 67 -1.98 -12.95 13.19
CA ILE H 67 -3.03 -12.00 12.76
C ILE H 67 -2.83 -11.67 11.26
N VAL H 68 -1.58 -11.34 10.88
CA VAL H 68 -1.22 -11.00 9.50
C VAL H 68 -1.40 -12.22 8.59
N GLU H 69 -1.05 -13.45 9.09
CA GLU H 69 -1.22 -14.67 8.31
C GLU H 69 -2.67 -14.85 7.94
N TRP H 70 -3.60 -14.45 8.85
CA TRP H 70 -5.04 -14.53 8.52
C TRP H 70 -5.45 -13.47 7.51
N ILE H 71 -4.81 -12.26 7.52
CA ILE H 71 -5.10 -11.18 6.55
C ILE H 71 -4.71 -11.65 5.14
N LEU H 72 -3.52 -12.32 5.02
CA LEU H 72 -2.98 -12.86 3.77
C LEU H 72 -3.81 -14.04 3.24
N LYS H 73 -4.18 -14.99 4.14
CA LYS H 73 -5.01 -16.18 3.85
C LYS H 73 -6.42 -15.78 3.36
N GLU H 74 -6.96 -14.66 3.89
CA GLU H 74 -8.27 -14.08 3.55
C GLU H 74 -8.45 -13.80 2.04
N GLU H 75 -7.34 -13.46 1.33
CA GLU H 75 -7.35 -13.21 -0.10
C GLU H 75 -6.99 -14.46 -0.90
N MET I 4 47.43 18.04 -8.33
CA MET I 4 45.99 18.16 -8.04
C MET I 4 45.15 17.11 -8.83
N ASP I 5 45.30 17.08 -10.17
CA ASP I 5 44.63 16.15 -11.09
C ASP I 5 45.13 14.71 -10.90
N SER I 6 46.46 14.50 -10.68
N SER I 6 46.45 14.50 -10.68
CA SER I 6 47.04 13.18 -10.45
CA SER I 6 47.01 13.16 -10.46
C SER I 6 46.44 12.54 -9.19
C SER I 6 46.47 12.53 -9.17
N ASN I 7 46.24 13.34 -8.11
CA ASN I 7 45.64 12.87 -6.83
C ASN I 7 44.20 12.42 -7.02
N THR I 8 43.45 13.08 -7.93
CA THR I 8 42.07 12.70 -8.29
C THR I 8 42.05 11.30 -8.91
N MET I 9 43.02 11.02 -9.81
N MET I 9 43.02 11.01 -9.80
CA MET I 9 43.20 9.73 -10.48
CA MET I 9 43.16 9.71 -10.44
C MET I 9 43.56 8.64 -9.46
C MET I 9 43.54 8.64 -9.43
N SER I 10 44.61 8.88 -8.62
CA SER I 10 45.04 7.91 -7.58
C SER I 10 43.93 7.65 -6.55
N SER I 11 43.16 8.69 -6.17
CA SER I 11 42.05 8.53 -5.24
C SER I 11 40.94 7.67 -5.86
N PHE I 12 40.71 7.81 -7.18
CA PHE I 12 39.73 6.98 -7.90
C PHE I 12 40.18 5.52 -7.93
N GLN I 13 41.47 5.29 -8.24
CA GLN I 13 42.07 3.95 -8.32
C GLN I 13 42.00 3.20 -6.98
N VAL I 14 42.39 3.83 -5.89
N VAL I 14 42.41 3.86 -5.88
CA VAL I 14 42.29 3.20 -4.57
CA VAL I 14 42.33 3.31 -4.53
C VAL I 14 40.84 3.01 -4.14
C VAL I 14 40.87 3.06 -4.11
N ASP I 15 39.95 3.99 -4.43
CA ASP I 15 38.50 3.84 -4.08
C ASP I 15 37.89 2.66 -4.85
N CYS I 16 38.32 2.43 -6.12
CA CYS I 16 37.86 1.28 -6.91
C CYS I 16 38.29 -0.04 -6.26
N PHE I 17 39.57 -0.13 -5.85
CA PHE I 17 40.08 -1.35 -5.23
C PHE I 17 39.49 -1.63 -3.85
N LEU I 18 39.30 -0.60 -3.01
CA LEU I 18 38.66 -0.79 -1.70
C LEU I 18 37.22 -1.22 -1.86
N TRP I 19 36.52 -0.73 -2.92
CA TRP I 19 35.14 -1.15 -3.21
C TRP I 19 35.14 -2.65 -3.59
N HIS I 20 36.17 -3.09 -4.36
CA HIS I 20 36.32 -4.50 -4.76
C HIS I 20 36.43 -5.41 -3.51
N ILE I 21 37.23 -4.99 -2.50
CA ILE I 21 37.38 -5.74 -1.23
C ILE I 21 36.02 -5.81 -0.54
N ARG I 22 35.31 -4.66 -0.46
CA ARG I 22 34.00 -4.60 0.18
C ARG I 22 33.02 -5.51 -0.51
N LYS I 23 33.05 -5.54 -1.87
CA LYS I 23 32.23 -6.43 -2.71
C LYS I 23 32.56 -7.90 -2.41
N ARG I 24 33.86 -8.26 -2.34
CA ARG I 24 34.23 -9.65 -1.99
C ARG I 24 33.75 -10.00 -0.56
N PHE I 25 33.78 -9.02 0.37
CA PHE I 25 33.33 -9.21 1.74
C PHE I 25 31.79 -9.46 1.75
N ALA I 26 31.04 -8.67 0.97
CA ALA I 26 29.59 -8.82 0.81
C ALA I 26 29.22 -10.16 0.15
N ASP I 27 30.04 -10.60 -0.84
CA ASP I 27 29.85 -11.89 -1.54
C ASP I 27 29.97 -13.07 -0.55
N ASN I 28 30.75 -12.90 0.53
CA ASN I 28 30.89 -13.93 1.57
C ASN I 28 29.73 -13.91 2.59
N GLY I 29 28.77 -13.00 2.42
CA GLY I 29 27.60 -12.87 3.28
C GLY I 29 27.87 -12.27 4.65
N LEU I 30 28.93 -11.44 4.77
CA LEU I 30 29.34 -10.85 6.05
C LEU I 30 28.87 -9.42 6.29
N GLY I 31 28.22 -8.82 5.29
CA GLY I 31 27.75 -7.46 5.40
C GLY I 31 26.37 -7.34 6.02
N ASP I 32 26.17 -6.36 6.91
CA ASP I 32 24.84 -6.08 7.45
C ASP I 32 24.15 -5.18 6.42
N ALA I 33 22.86 -4.82 6.62
CA ALA I 33 22.11 -3.97 5.66
C ALA I 33 22.78 -2.58 5.40
N PRO I 34 23.24 -1.77 6.40
CA PRO I 34 23.88 -0.50 6.06
C PRO I 34 25.18 -0.71 5.27
N PHE I 35 25.96 -1.78 5.53
CA PHE I 35 27.17 -2.06 4.74
C PHE I 35 26.79 -2.27 3.24
N LEU I 36 25.69 -3.05 2.98
CA LEU I 36 25.24 -3.35 1.64
C LEU I 36 24.72 -2.11 0.93
N ASP I 37 24.04 -1.22 1.68
CA ASP I 37 23.56 0.05 1.12
C ASP I 37 24.74 0.91 0.70
N ARG I 38 25.79 1.01 1.55
CA ARG I 38 27.00 1.80 1.23
C ARG I 38 27.68 1.23 0.01
N LEU I 39 27.77 -0.11 -0.08
CA LEU I 39 28.35 -0.82 -1.21
C LEU I 39 27.63 -0.44 -2.52
N ARG I 40 26.29 -0.46 -2.49
N ARG I 40 26.31 -0.42 -2.48
CA ARG I 40 25.44 -0.13 -3.64
CA ARG I 40 25.48 -0.09 -3.62
C ARG I 40 25.57 1.34 -4.06
C ARG I 40 25.62 1.36 -4.03
N ARG I 41 25.48 2.27 -3.09
CA ARG I 41 25.61 3.69 -3.34
C ARG I 41 27.01 4.07 -3.87
N ASP I 42 28.06 3.45 -3.30
CA ASP I 42 29.43 3.73 -3.74
C ASP I 42 29.69 3.19 -5.14
N GLN I 43 29.05 2.08 -5.53
CA GLN I 43 29.19 1.53 -6.88
C GLN I 43 28.63 2.54 -7.87
N LYS I 44 27.48 3.14 -7.55
CA LYS I 44 26.89 4.15 -8.42
C LYS I 44 27.79 5.39 -8.51
N SER I 45 28.29 5.91 -7.37
CA SER I 45 29.19 7.07 -7.38
C SER I 45 30.51 6.80 -8.11
N LEU I 46 31.06 5.59 -7.97
CA LEU I 46 32.29 5.20 -8.66
C LEU I 46 32.08 5.14 -10.17
N LYS I 47 30.91 4.63 -10.63
CA LYS I 47 30.57 4.61 -12.07
C LYS I 47 30.51 6.05 -12.60
N GLY I 48 29.89 6.95 -11.83
CA GLY I 48 29.80 8.37 -12.16
C GLY I 48 31.15 9.06 -12.22
N ARG I 49 32.03 8.78 -11.22
CA ARG I 49 33.39 9.33 -11.18
C ARG I 49 34.22 8.82 -12.37
N GLY I 50 34.08 7.53 -12.68
CA GLY I 50 34.77 6.90 -13.81
C GLY I 50 34.41 7.55 -15.13
N ASN I 51 33.13 7.93 -15.28
CA ASN I 51 32.61 8.61 -16.46
C ASN I 51 33.19 10.02 -16.60
N THR I 52 33.15 10.80 -15.52
CA THR I 52 33.70 12.17 -15.45
C THR I 52 35.19 12.14 -15.82
N LEU I 53 35.93 11.20 -15.23
CA LEU I 53 37.37 11.07 -15.43
C LEU I 53 37.80 10.38 -16.72
N GLY I 54 36.88 9.68 -17.36
CA GLY I 54 37.16 8.90 -18.57
C GLY I 54 38.05 7.72 -18.23
N LEU I 55 37.84 7.14 -17.01
CA LEU I 55 38.64 6.00 -16.54
C LEU I 55 37.80 4.76 -16.39
N ASP I 56 38.29 3.67 -16.97
CA ASP I 56 37.69 2.35 -16.90
C ASP I 56 37.88 1.81 -15.47
N ILE I 57 36.78 1.30 -14.83
CA ILE I 57 36.80 0.80 -13.45
C ILE I 57 37.68 -0.43 -13.29
N GLU I 58 37.62 -1.36 -14.24
CA GLU I 58 38.43 -2.59 -14.16
C GLU I 58 39.93 -2.26 -14.15
N THR I 59 40.34 -1.34 -15.02
CA THR I 59 41.73 -0.91 -15.14
C THR I 59 42.16 -0.19 -13.86
N ALA I 60 41.31 0.75 -13.38
CA ALA I 60 41.58 1.57 -12.18
C ALA I 60 41.74 0.71 -10.92
N THR I 61 40.91 -0.34 -10.78
CA THR I 61 40.93 -1.32 -9.68
C THR I 61 42.30 -1.99 -9.56
N LEU I 62 42.89 -2.36 -10.71
CA LEU I 62 44.19 -3.02 -10.75
C LEU I 62 45.32 -2.09 -10.35
N VAL I 63 45.23 -0.79 -10.71
CA VAL I 63 46.24 0.20 -10.32
C VAL I 63 46.09 0.43 -8.80
N GLY I 64 44.85 0.55 -8.33
CA GLY I 64 44.57 0.73 -6.90
C GLY I 64 45.05 -0.46 -6.08
N LYS I 65 44.90 -1.68 -6.64
CA LYS I 65 45.34 -2.94 -6.02
C LYS I 65 46.82 -2.87 -5.64
N GLN I 66 47.67 -2.47 -6.61
N GLN I 66 47.67 -2.49 -6.61
CA GLN I 66 49.11 -2.34 -6.50
CA GLN I 66 49.11 -2.43 -6.43
C GLN I 66 49.51 -1.31 -5.43
C GLN I 66 49.52 -1.32 -5.43
N ILE I 67 48.80 -0.16 -5.40
CA ILE I 67 49.06 0.92 -4.42
C ILE I 67 48.75 0.37 -2.98
N VAL I 68 47.59 -0.29 -2.83
CA VAL I 68 47.14 -0.85 -1.54
C VAL I 68 48.07 -1.95 -1.08
N GLU I 69 48.53 -2.78 -2.02
CA GLU I 69 49.49 -3.83 -1.71
C GLU I 69 50.75 -3.23 -1.13
N TRP I 70 51.20 -2.07 -1.65
CA TRP I 70 52.37 -1.39 -1.06
C TRP I 70 52.10 -0.81 0.31
N ILE I 71 50.86 -0.31 0.58
CA ILE I 71 50.50 0.21 1.92
C ILE I 71 50.60 -0.97 2.94
N LEU I 72 50.04 -2.15 2.58
CA LEU I 72 50.08 -3.34 3.45
C LEU I 72 51.52 -3.86 3.64
N LYS I 73 52.33 -3.81 2.57
CA LYS I 73 53.72 -4.24 2.56
C LYS I 73 54.60 -3.37 3.47
N GLU I 74 54.46 -2.02 3.43
CA GLU I 74 55.27 -1.13 4.26
C GLU I 74 55.13 -1.29 5.77
N GLU I 75 53.95 -1.73 6.23
CA GLU I 75 53.62 -1.97 7.64
C GLU I 75 54.16 -3.31 8.17
N ALA J 3 -43.62 -32.32 25.97
CA ALA J 3 -42.86 -31.11 26.30
C ALA J 3 -42.18 -30.49 25.06
N MET J 4 -42.65 -29.31 24.63
CA MET J 4 -42.06 -28.58 23.51
C MET J 4 -41.94 -27.10 23.86
N ASP J 5 -40.75 -26.52 23.68
CA ASP J 5 -40.41 -25.14 24.03
C ASP J 5 -39.66 -24.46 22.88
N SER J 6 -40.07 -23.22 22.53
CA SER J 6 -39.48 -22.44 21.44
C SER J 6 -38.03 -22.06 21.63
N ASN J 7 -37.58 -21.67 22.85
CA ASN J 7 -36.19 -21.36 23.16
C ASN J 7 -35.33 -22.62 23.03
N THR J 8 -35.89 -23.79 23.38
CA THR J 8 -35.19 -25.08 23.26
C THR J 8 -34.91 -25.42 21.79
N MET J 9 -35.92 -25.21 20.94
CA MET J 9 -35.83 -25.47 19.51
C MET J 9 -34.87 -24.48 18.85
N SER J 10 -34.99 -23.18 19.20
CA SER J 10 -34.16 -22.10 18.70
C SER J 10 -32.71 -22.32 19.07
N SER J 11 -32.46 -22.71 20.33
CA SER J 11 -31.13 -23.01 20.87
C SER J 11 -30.51 -24.20 20.16
N PHE J 12 -31.34 -25.22 19.81
CA PHE J 12 -30.89 -26.40 19.08
C PHE J 12 -30.42 -26.04 17.67
N GLN J 13 -31.24 -25.25 16.94
CA GLN J 13 -30.96 -24.78 15.59
C GLN J 13 -29.66 -23.96 15.51
N VAL J 14 -29.46 -23.03 16.46
CA VAL J 14 -28.24 -22.22 16.51
C VAL J 14 -27.04 -23.10 16.78
N ASP J 15 -27.13 -24.01 17.79
CA ASP J 15 -26.06 -24.96 18.11
C ASP J 15 -25.68 -25.83 16.89
N CYS J 16 -26.70 -26.29 16.12
CA CYS J 16 -26.47 -27.09 14.89
C CYS J 16 -25.67 -26.30 13.88
N PHE J 17 -26.09 -25.05 13.61
CA PHE J 17 -25.37 -24.21 12.65
C PHE J 17 -23.94 -23.89 13.12
N LEU J 18 -23.76 -23.63 14.43
CA LEU J 18 -22.41 -23.33 14.92
C LEU J 18 -21.53 -24.57 14.92
N TRP J 19 -22.11 -25.76 15.10
CA TRP J 19 -21.34 -27.00 15.00
C TRP J 19 -20.88 -27.18 13.55
N HIS J 20 -21.78 -26.84 12.58
CA HIS J 20 -21.47 -26.88 11.15
C HIS J 20 -20.25 -26.00 10.86
N ILE J 21 -20.21 -24.75 11.41
CA ILE J 21 -19.05 -23.85 11.21
C ILE J 21 -17.76 -24.52 11.76
N ARG J 22 -17.85 -25.12 12.98
CA ARG J 22 -16.69 -25.77 13.61
C ARG J 22 -16.17 -26.97 12.82
N LYS J 23 -17.10 -27.76 12.25
CA LYS J 23 -16.81 -28.91 11.39
C LYS J 23 -16.07 -28.44 10.13
N ARG J 24 -16.58 -27.38 9.44
CA ARG J 24 -15.94 -26.85 8.25
C ARG J 24 -14.51 -26.31 8.55
N PHE J 25 -14.30 -25.71 9.74
CA PHE J 25 -13.01 -25.18 10.20
C PHE J 25 -12.04 -26.37 10.42
N ALA J 26 -12.54 -27.44 11.10
CA ALA J 26 -11.78 -28.66 11.36
C ALA J 26 -11.42 -29.36 10.01
N ASP J 27 -12.35 -29.35 9.03
CA ASP J 27 -12.16 -29.91 7.68
C ASP J 27 -10.97 -29.28 6.98
N ASN J 28 -10.69 -28.01 7.30
CA ASN J 28 -9.57 -27.26 6.76
C ASN J 28 -8.23 -27.51 7.47
N GLY J 29 -8.17 -28.43 8.43
CA GLY J 29 -6.95 -28.75 9.18
C GLY J 29 -6.47 -27.62 10.07
N LEU J 30 -7.42 -26.88 10.67
CA LEU J 30 -7.11 -25.72 11.52
C LEU J 30 -7.36 -25.91 12.99
N GLY J 31 -7.99 -27.01 13.37
CA GLY J 31 -8.24 -27.25 14.79
C GLY J 31 -7.08 -27.87 15.53
N ASP J 32 -6.96 -27.59 16.85
CA ASP J 32 -5.97 -28.27 17.68
C ASP J 32 -6.68 -29.50 18.27
N ALA J 33 -5.97 -30.36 19.05
CA ALA J 33 -6.59 -31.57 19.60
C ALA J 33 -7.85 -31.28 20.48
N PRO J 34 -7.82 -30.32 21.45
CA PRO J 34 -9.03 -30.07 22.25
C PRO J 34 -10.24 -29.56 21.41
N PHE J 35 -9.97 -28.77 20.35
CA PHE J 35 -11.02 -28.26 19.46
C PHE J 35 -11.76 -29.44 18.82
N LEU J 36 -11.00 -30.42 18.33
CA LEU J 36 -11.55 -31.61 17.70
C LEU J 36 -12.26 -32.50 18.70
N ASP J 37 -11.76 -32.52 19.95
CA ASP J 37 -12.41 -33.30 21.02
C ASP J 37 -13.79 -32.74 21.33
N ARG J 38 -13.93 -31.39 21.41
CA ARG J 38 -15.22 -30.74 21.66
C ARG J 38 -16.13 -31.00 20.46
N LEU J 39 -15.57 -30.94 19.23
CA LEU J 39 -16.38 -31.17 18.02
C LEU J 39 -17.03 -32.55 18.04
N ARG J 40 -16.24 -33.57 18.42
N ARG J 40 -16.26 -33.55 18.45
CA ARG J 40 -16.67 -34.97 18.47
CA ARG J 40 -16.68 -34.94 18.52
C ARG J 40 -17.74 -35.15 19.55
C ARG J 40 -17.77 -35.11 19.58
N ARG J 41 -17.50 -34.62 20.76
CA ARG J 41 -18.45 -34.68 21.88
C ARG J 41 -19.73 -33.92 21.54
N ASP J 42 -19.63 -32.73 20.90
CA ASP J 42 -20.81 -31.95 20.54
C ASP J 42 -21.65 -32.61 19.47
N GLN J 43 -21.04 -33.31 18.52
CA GLN J 43 -21.81 -34.03 17.49
C GLN J 43 -22.67 -35.11 18.13
N LYS J 44 -22.14 -35.84 19.14
CA LYS J 44 -22.86 -36.89 19.85
C LYS J 44 -24.03 -36.29 20.66
N SER J 45 -23.80 -35.17 21.38
CA SER J 45 -24.87 -34.57 22.14
C SER J 45 -25.93 -33.93 21.24
N LEU J 46 -25.52 -33.32 20.09
CA LEU J 46 -26.50 -32.77 19.14
C LEU J 46 -27.39 -33.86 18.55
N LYS J 47 -26.80 -35.04 18.22
CA LYS J 47 -27.57 -36.20 17.72
C LYS J 47 -28.63 -36.61 18.75
N GLY J 48 -28.24 -36.74 20.01
CA GLY J 48 -29.16 -37.06 21.09
C GLY J 48 -30.23 -36.00 21.31
N ARG J 49 -29.85 -34.69 21.28
CA ARG J 49 -30.80 -33.58 21.45
C ARG J 49 -31.85 -33.57 20.34
N GLY J 50 -31.40 -33.77 19.09
CA GLY J 50 -32.27 -33.83 17.92
C GLY J 50 -33.30 -34.95 18.03
N ASN J 51 -32.85 -36.10 18.57
CA ASN J 51 -33.66 -37.29 18.81
C ASN J 51 -34.74 -36.97 19.84
N THR J 52 -34.35 -36.37 20.98
CA THR J 52 -35.24 -35.96 22.06
C THR J 52 -36.32 -34.99 21.56
N LEU J 53 -35.91 -34.01 20.76
CA LEU J 53 -36.81 -32.95 20.27
C LEU J 53 -37.71 -33.33 19.10
N GLY J 54 -37.33 -34.37 18.37
CA GLY J 54 -38.04 -34.80 17.18
C GLY J 54 -37.70 -33.89 16.01
N LEU J 55 -36.49 -33.28 16.05
CA LEU J 55 -36.05 -32.36 15.01
C LEU J 55 -34.83 -32.87 14.29
N ASP J 56 -34.87 -32.82 12.97
CA ASP J 56 -33.82 -33.26 12.05
C ASP J 56 -32.66 -32.23 12.08
N ILE J 57 -31.40 -32.73 12.22
CA ILE J 57 -30.19 -31.89 12.25
C ILE J 57 -30.02 -31.08 10.96
N GLU J 58 -30.28 -31.69 9.78
CA GLU J 58 -30.13 -30.98 8.50
C GLU J 58 -30.98 -29.71 8.42
N THR J 59 -32.28 -29.80 8.73
N THR J 59 -32.29 -29.81 8.74
CA THR J 59 -33.18 -28.64 8.68
CA THR J 59 -33.23 -28.68 8.71
C THR J 59 -32.85 -27.64 9.78
C THR J 59 -32.87 -27.66 9.78
N ALA J 60 -32.54 -28.14 11.01
CA ALA J 60 -32.17 -27.31 12.17
C ALA J 60 -30.93 -26.47 11.85
N THR J 61 -29.98 -27.06 11.10
CA THR J 61 -28.77 -26.34 10.66
C THR J 61 -29.15 -25.15 9.77
N LEU J 62 -30.06 -25.36 8.80
CA LEU J 62 -30.47 -24.29 7.88
C LEU J 62 -31.22 -23.17 8.58
N VAL J 63 -32.04 -23.53 9.58
CA VAL J 63 -32.81 -22.58 10.38
C VAL J 63 -31.79 -21.77 11.25
N GLY J 64 -30.83 -22.47 11.85
CA GLY J 64 -29.77 -21.83 12.64
C GLY J 64 -28.99 -20.79 11.86
N LYS J 65 -28.67 -21.10 10.58
CA LYS J 65 -28.00 -20.19 9.66
C LYS J 65 -28.84 -18.92 9.50
N GLN J 66 -30.17 -19.08 9.33
CA GLN J 66 -31.07 -17.93 9.18
C GLN J 66 -31.15 -17.07 10.43
N ILE J 67 -31.19 -17.69 11.63
CA ILE J 67 -31.24 -16.97 12.91
C ILE J 67 -29.95 -16.15 13.11
N VAL J 68 -28.79 -16.80 12.91
CA VAL J 68 -27.47 -16.15 13.05
C VAL J 68 -27.33 -14.97 12.06
N GLU J 69 -27.75 -15.16 10.79
CA GLU J 69 -27.72 -14.08 9.77
C GLU J 69 -28.58 -12.91 10.18
N TRP J 70 -29.77 -13.17 10.75
CA TRP J 70 -30.66 -12.11 11.22
C TRP J 70 -30.04 -11.29 12.38
N ILE J 71 -29.42 -11.99 13.37
CA ILE J 71 -28.80 -11.32 14.52
C ILE J 71 -27.65 -10.40 14.03
N LEU J 72 -26.73 -10.97 13.25
CA LEU J 72 -25.54 -10.34 12.68
C LEU J 72 -25.82 -9.22 11.67
N LYS J 73 -27.00 -9.19 11.04
CA LYS J 73 -27.35 -8.16 10.07
C LYS J 73 -28.33 -7.14 10.63
N GLU J 74 -29.43 -7.60 11.30
CA GLU J 74 -30.51 -6.75 11.83
C GLU J 74 -30.42 -6.34 13.33
N GLU J 75 -29.42 -6.85 14.08
CA GLU J 75 -29.24 -6.50 15.50
C GLU J 75 -27.77 -6.22 15.83
N MET K 4 0.77 -27.10 15.02
CA MET K 4 -0.34 -27.03 15.96
C MET K 4 -0.39 -25.74 16.85
N ASP K 5 0.71 -24.95 16.94
CA ASP K 5 0.73 -23.70 17.71
C ASP K 5 -0.17 -22.61 17.07
N SER K 6 -0.10 -22.49 15.73
CA SER K 6 -0.96 -21.58 14.95
C SER K 6 -2.42 -22.03 15.10
N ASN K 7 -2.67 -23.36 15.00
CA ASN K 7 -3.99 -23.97 15.14
C ASN K 7 -4.63 -23.73 16.51
N THR K 8 -3.81 -23.72 17.57
CA THR K 8 -4.29 -23.44 18.92
C THR K 8 -4.83 -21.99 18.97
N MET K 9 -4.11 -21.07 18.33
CA MET K 9 -4.52 -19.65 18.28
C MET K 9 -5.79 -19.48 17.44
N SER K 10 -5.83 -20.12 16.25
CA SER K 10 -6.96 -20.06 15.32
C SER K 10 -8.20 -20.67 15.98
N SER K 11 -8.01 -21.77 16.72
CA SER K 11 -9.11 -22.46 17.41
C SER K 11 -9.68 -21.57 18.50
N PHE K 12 -8.80 -20.84 19.21
CA PHE K 12 -9.23 -19.90 20.27
C PHE K 12 -10.03 -18.73 19.65
N GLN K 13 -9.55 -18.19 18.52
CA GLN K 13 -10.20 -17.09 17.81
C GLN K 13 -11.59 -17.47 17.30
N VAL K 14 -11.72 -18.67 16.72
N VAL K 14 -11.74 -18.67 16.70
CA VAL K 14 -13.02 -19.15 16.24
CA VAL K 14 -13.05 -19.10 16.24
C VAL K 14 -13.97 -19.31 17.43
C VAL K 14 -14.01 -19.34 17.41
N ASP K 15 -13.51 -19.91 18.54
CA ASP K 15 -14.35 -20.16 19.73
C ASP K 15 -14.83 -18.83 20.34
N CYS K 16 -13.96 -17.80 20.31
CA CYS K 16 -14.31 -16.45 20.80
C CYS K 16 -15.44 -15.86 19.97
N PHE K 17 -15.29 -15.89 18.62
CA PHE K 17 -16.32 -15.33 17.73
C PHE K 17 -17.63 -16.11 17.82
N LEU K 18 -17.57 -17.42 17.81
CA LEU K 18 -18.73 -18.23 18.08
C LEU K 18 -19.39 -17.99 19.45
N TRP K 19 -18.62 -17.78 20.50
CA TRP K 19 -19.19 -17.33 21.77
C TRP K 19 -19.97 -15.99 21.61
N HIS K 20 -19.34 -15.07 20.91
CA HIS K 20 -19.97 -13.82 20.53
C HIS K 20 -21.37 -13.97 19.88
N ILE K 21 -21.49 -14.85 18.89
CA ILE K 21 -22.78 -15.14 18.23
C ILE K 21 -23.78 -15.71 19.27
N ARG K 22 -23.33 -16.70 20.06
CA ARG K 22 -24.16 -17.31 21.09
C ARG K 22 -24.66 -16.28 22.08
N LYS K 23 -23.79 -15.36 22.50
CA LYS K 23 -24.08 -14.24 23.43
C LYS K 23 -25.15 -13.28 22.83
N ARG K 24 -25.00 -12.93 21.54
CA ARG K 24 -25.97 -12.05 20.83
C ARG K 24 -27.34 -12.73 20.71
N PHE K 25 -27.34 -14.04 20.44
CA PHE K 25 -28.52 -14.86 20.39
C PHE K 25 -29.20 -14.85 21.76
N ALA K 26 -28.41 -15.08 22.84
CA ALA K 26 -28.87 -15.09 24.21
C ALA K 26 -29.39 -13.69 24.65
N ASP K 27 -28.71 -12.59 24.20
CA ASP K 27 -29.14 -11.19 24.47
C ASP K 27 -30.59 -10.98 23.99
N ASN K 28 -30.97 -11.68 22.90
CA ASN K 28 -32.32 -11.64 22.33
C ASN K 28 -33.36 -12.44 23.11
N GLY K 29 -32.96 -13.10 24.19
CA GLY K 29 -33.83 -13.88 25.05
C GLY K 29 -34.26 -15.21 24.42
N LEU K 30 -33.40 -15.77 23.55
CA LEU K 30 -33.70 -17.00 22.80
C LEU K 30 -33.11 -18.29 23.35
N GLY K 31 -32.27 -18.18 24.38
CA GLY K 31 -31.60 -19.33 24.98
C GLY K 31 -32.46 -20.04 26.00
N ASP K 32 -32.33 -21.37 26.05
CA ASP K 32 -33.01 -22.15 27.08
C ASP K 32 -31.99 -22.28 28.22
N ALA K 33 -32.35 -22.85 29.38
CA ALA K 33 -31.41 -22.92 30.51
C ALA K 33 -30.09 -23.69 30.22
N PRO K 34 -30.08 -24.89 29.55
CA PRO K 34 -28.79 -25.54 29.24
C PRO K 34 -27.91 -24.70 28.30
N PHE K 35 -28.51 -24.02 27.28
CA PHE K 35 -27.74 -23.12 26.39
C PHE K 35 -27.03 -21.99 27.21
N LEU K 36 -27.73 -21.40 28.20
CA LEU K 36 -27.19 -20.31 29.02
C LEU K 36 -26.15 -20.79 30.01
N ASP K 37 -26.27 -22.05 30.45
CA ASP K 37 -25.28 -22.67 31.32
C ASP K 37 -23.95 -22.84 30.53
N ARG K 38 -24.04 -23.35 29.30
CA ARG K 38 -22.89 -23.49 28.40
C ARG K 38 -22.27 -22.13 28.08
N LEU K 39 -23.12 -21.10 27.88
CA LEU K 39 -22.66 -19.73 27.61
C LEU K 39 -21.78 -19.22 28.76
N ARG K 40 -22.29 -19.36 30.01
CA ARG K 40 -21.61 -18.94 31.22
C ARG K 40 -20.33 -19.77 31.46
N ARG K 41 -20.39 -21.11 31.33
CA ARG K 41 -19.20 -21.96 31.52
C ARG K 41 -18.14 -21.66 30.45
N ASP K 42 -18.56 -21.57 29.17
CA ASP K 42 -17.61 -21.32 28.08
C ASP K 42 -16.88 -20.00 28.17
N GLN K 43 -17.55 -18.98 28.71
CA GLN K 43 -16.94 -17.67 28.90
C GLN K 43 -15.74 -17.74 29.88
N LYS K 44 -15.92 -18.43 31.02
CA LYS K 44 -14.86 -18.60 32.04
C LYS K 44 -13.71 -19.40 31.42
N SER K 45 -14.07 -20.42 30.63
CA SER K 45 -13.12 -21.29 29.95
C SER K 45 -12.30 -20.47 28.93
N LEU K 46 -12.96 -19.55 28.19
CA LEU K 46 -12.28 -18.67 27.22
C LEU K 46 -11.33 -17.71 27.91
N LYS K 47 -11.72 -17.20 29.10
CA LYS K 47 -10.89 -16.29 29.91
C LYS K 47 -9.59 -17.00 30.32
N GLY K 48 -9.71 -18.25 30.78
CA GLY K 48 -8.56 -19.08 31.16
C GLY K 48 -7.69 -19.40 29.97
N ARG K 49 -8.31 -19.77 28.82
CA ARG K 49 -7.56 -20.07 27.59
C ARG K 49 -6.81 -18.83 27.08
N GLY K 50 -7.46 -17.67 27.11
CA GLY K 50 -6.88 -16.42 26.65
C GLY K 50 -5.66 -16.02 27.45
N ASN K 51 -5.73 -16.28 28.76
CA ASN K 51 -4.66 -16.01 29.70
C ASN K 51 -3.46 -16.94 29.43
N THR K 52 -3.71 -18.24 29.21
CA THR K 52 -2.65 -19.21 28.90
C THR K 52 -1.89 -18.82 27.61
N LEU K 53 -2.65 -18.47 26.55
CA LEU K 53 -2.11 -18.10 25.24
C LEU K 53 -1.58 -16.67 25.12
N GLY K 54 -1.90 -15.82 26.09
CA GLY K 54 -1.51 -14.40 26.05
C GLY K 54 -2.30 -13.68 24.98
N LEU K 55 -3.55 -14.13 24.75
CA LEU K 55 -4.43 -13.56 23.74
C LEU K 55 -5.65 -12.90 24.36
N ASP K 56 -5.91 -11.68 23.94
CA ASP K 56 -7.04 -10.88 24.39
C ASP K 56 -8.31 -11.36 23.66
N ILE K 57 -9.40 -11.56 24.41
CA ILE K 57 -10.69 -12.02 23.85
C ILE K 57 -11.27 -11.07 22.78
N GLU K 58 -11.23 -9.75 23.05
CA GLU K 58 -11.77 -8.74 22.12
C GLU K 58 -11.13 -8.85 20.73
N THR K 59 -9.78 -8.89 20.68
CA THR K 59 -9.00 -9.05 19.44
C THR K 59 -9.26 -10.44 18.84
N ALA K 60 -9.20 -11.51 19.67
CA ALA K 60 -9.40 -12.89 19.18
C ALA K 60 -10.77 -13.04 18.50
N THR K 61 -11.79 -12.37 19.06
CA THR K 61 -13.15 -12.37 18.51
C THR K 61 -13.18 -11.74 17.10
N LEU K 62 -12.47 -10.63 16.92
CA LEU K 62 -12.41 -9.94 15.62
C LEU K 62 -11.69 -10.74 14.56
N VAL K 63 -10.64 -11.46 14.97
CA VAL K 63 -9.89 -12.34 14.07
C VAL K 63 -10.79 -13.55 13.75
N GLY K 64 -11.50 -14.06 14.75
CA GLY K 64 -12.41 -15.20 14.59
C GLY K 64 -13.51 -14.90 13.58
N LYS K 65 -13.97 -13.64 13.54
CA LYS K 65 -15.00 -13.16 12.60
C LYS K 65 -14.48 -13.32 11.17
N GLN K 66 -13.22 -12.89 10.93
CA GLN K 66 -12.55 -13.05 9.64
C GLN K 66 -12.39 -14.53 9.28
N ILE K 67 -12.02 -15.38 10.25
CA ILE K 67 -11.87 -16.82 9.98
C ILE K 67 -13.21 -17.43 9.55
N VAL K 68 -14.26 -17.19 10.34
CA VAL K 68 -15.59 -17.74 10.08
C VAL K 68 -16.11 -17.25 8.70
N GLU K 69 -15.95 -15.95 8.40
CA GLU K 69 -16.35 -15.40 7.10
C GLU K 69 -15.59 -16.09 5.96
N TRP K 70 -14.27 -16.39 6.16
CA TRP K 70 -13.48 -17.09 5.15
C TRP K 70 -13.95 -18.54 5.00
N ILE K 71 -14.36 -19.18 6.11
CA ILE K 71 -14.85 -20.57 6.11
C ILE K 71 -16.16 -20.65 5.33
N LEU K 72 -17.07 -19.71 5.58
CA LEU K 72 -18.41 -19.66 5.01
C LEU K 72 -18.51 -19.06 3.59
N LYS K 73 -17.42 -18.49 3.03
CA LYS K 73 -17.43 -17.90 1.68
C LYS K 73 -17.50 -18.96 0.58
N ALA L 3 20.89 -4.67 20.67
CA ALA L 3 21.29 -6.08 20.77
C ALA L 3 22.74 -6.26 20.25
N MET L 4 23.08 -7.44 19.69
CA MET L 4 24.41 -7.72 19.13
C MET L 4 24.25 -8.62 17.89
N ASP L 5 24.91 -8.23 16.78
CA ASP L 5 24.81 -8.95 15.52
C ASP L 5 26.21 -9.13 14.94
N SER L 6 26.57 -10.38 14.59
N SER L 6 26.57 -10.37 14.60
CA SER L 6 27.89 -10.73 14.06
CA SER L 6 27.88 -10.75 14.07
C SER L 6 28.26 -10.06 12.75
C SER L 6 28.25 -10.06 12.75
N ASN L 7 27.30 -9.91 11.80
CA ASN L 7 27.55 -9.24 10.52
C ASN L 7 27.83 -7.76 10.75
N THR L 8 27.15 -7.15 11.74
CA THR L 8 27.33 -5.75 12.13
C THR L 8 28.76 -5.55 12.64
N MET L 9 29.23 -6.49 13.48
CA MET L 9 30.58 -6.43 14.05
C MET L 9 31.65 -6.68 12.97
N SER L 10 31.44 -7.66 12.07
CA SER L 10 32.35 -7.95 10.97
C SER L 10 32.43 -6.76 10.03
N SER L 11 31.26 -6.14 9.73
CA SER L 11 31.17 -4.97 8.87
C SER L 11 31.95 -3.79 9.47
N PHE L 12 31.87 -3.62 10.80
CA PHE L 12 32.57 -2.56 11.52
C PHE L 12 34.08 -2.79 11.47
N GLN L 13 34.52 -4.04 11.65
CA GLN L 13 35.93 -4.38 11.58
C GLN L 13 36.55 -4.10 10.21
N VAL L 14 35.92 -4.57 9.11
N VAL L 14 35.91 -4.54 9.11
CA VAL L 14 36.40 -4.35 7.74
CA VAL L 14 36.48 -4.27 7.78
C VAL L 14 36.47 -2.84 7.43
C VAL L 14 36.50 -2.80 7.46
N ASP L 15 35.42 -2.07 7.81
CA ASP L 15 35.33 -0.62 7.60
C ASP L 15 36.45 0.10 8.35
N CYS L 16 36.78 -0.34 9.60
CA CYS L 16 37.89 0.22 10.41
C CYS L 16 39.21 -0.01 9.70
N PHE L 17 39.44 -1.23 9.21
CA PHE L 17 40.70 -1.50 8.53
C PHE L 17 40.80 -0.79 7.18
N LEU L 18 39.71 -0.69 6.42
CA LEU L 18 39.75 0.00 5.13
C LEU L 18 39.94 1.51 5.36
N TRP L 19 39.39 2.07 6.47
CA TRP L 19 39.65 3.48 6.80
C TRP L 19 41.16 3.66 7.08
N HIS L 20 41.78 2.71 7.81
CA HIS L 20 43.21 2.69 8.08
C HIS L 20 44.06 2.72 6.79
N ILE L 21 43.68 1.92 5.76
CA ILE L 21 44.36 1.93 4.47
C ILE L 21 44.28 3.34 3.86
N ARG L 22 43.07 3.92 3.87
CA ARG L 22 42.82 5.27 3.35
C ARG L 22 43.65 6.34 4.06
N LYS L 23 43.82 6.23 5.38
CA LYS L 23 44.58 7.17 6.24
C LYS L 23 46.06 7.12 5.84
N ARG L 24 46.59 5.92 5.61
CA ARG L 24 47.98 5.72 5.19
C ARG L 24 48.16 6.23 3.76
N PHE L 25 47.16 5.99 2.90
CA PHE L 25 47.17 6.49 1.51
C PHE L 25 47.22 8.05 1.53
N ALA L 26 46.38 8.68 2.38
CA ALA L 26 46.30 10.13 2.56
C ALA L 26 47.67 10.66 3.05
N ASP L 27 48.26 9.97 4.04
CA ASP L 27 49.57 10.31 4.63
C ASP L 27 50.67 10.30 3.58
N ASN L 28 50.58 9.41 2.59
CA ASN L 28 51.54 9.30 1.49
C ASN L 28 51.39 10.42 0.45
N GLY L 29 50.40 11.29 0.62
CA GLY L 29 50.12 12.44 -0.24
C GLY L 29 49.36 12.13 -1.51
N LEU L 30 48.64 11.01 -1.54
CA LEU L 30 47.94 10.61 -2.76
C LEU L 30 46.46 10.95 -2.87
N GLY L 31 45.91 11.53 -1.80
CA GLY L 31 44.49 11.87 -1.77
C GLY L 31 44.19 13.26 -2.27
N ASP L 32 43.06 13.45 -2.92
CA ASP L 32 42.65 14.80 -3.30
C ASP L 32 41.76 15.33 -2.18
N ALA L 33 41.33 16.60 -2.25
CA ALA L 33 40.50 17.24 -1.22
C ALA L 33 39.20 16.46 -1.00
N PRO L 34 38.45 16.01 -2.04
CA PRO L 34 37.25 15.21 -1.76
C PRO L 34 37.54 13.89 -1.02
N PHE L 35 38.66 13.17 -1.33
CA PHE L 35 39.06 11.94 -0.63
C PHE L 35 39.35 12.26 0.86
N LEU L 36 40.02 13.39 1.14
CA LEU L 36 40.33 13.76 2.52
C LEU L 36 39.08 14.13 3.30
N ASP L 37 38.08 14.72 2.64
CA ASP L 37 36.78 15.05 3.21
C ASP L 37 36.02 13.77 3.61
N ARG L 38 36.00 12.76 2.73
CA ARG L 38 35.38 11.46 3.01
C ARG L 38 36.13 10.74 4.13
N LEU L 39 37.48 10.91 4.20
CA LEU L 39 38.28 10.29 5.25
C LEU L 39 37.82 10.84 6.63
N ARG L 40 37.69 12.16 6.74
CA ARG L 40 37.23 12.82 7.99
C ARG L 40 35.77 12.42 8.32
N ARG L 41 34.87 12.44 7.33
CA ARG L 41 33.45 12.06 7.48
C ARG L 41 33.36 10.64 8.06
N ASP L 42 34.12 9.70 7.48
CA ASP L 42 34.13 8.30 7.92
C ASP L 42 34.82 8.09 9.26
N GLN L 43 35.84 8.89 9.59
CA GLN L 43 36.50 8.82 10.90
C GLN L 43 35.46 9.09 12.04
N LYS L 44 34.65 10.15 11.90
CA LYS L 44 33.60 10.52 12.86
C LYS L 44 32.54 9.44 12.90
N SER L 45 32.14 8.94 11.73
CA SER L 45 31.14 7.92 11.58
C SER L 45 31.55 6.63 12.31
N LEU L 46 32.82 6.21 12.15
CA LEU L 46 33.34 5.01 12.79
C LEU L 46 33.45 5.18 14.29
N LYS L 47 33.78 6.40 14.76
CA LYS L 47 33.82 6.74 16.18
C LYS L 47 32.41 6.51 16.81
N GLY L 48 31.37 7.01 16.13
CA GLY L 48 29.98 6.86 16.57
C GLY L 48 29.52 5.41 16.55
N ARG L 49 29.88 4.66 15.48
CA ARG L 49 29.56 3.23 15.36
C ARG L 49 30.22 2.40 16.46
N GLY L 50 31.52 2.63 16.72
CA GLY L 50 32.25 1.91 17.76
C GLY L 50 31.65 2.10 19.14
N ASN L 51 31.15 3.31 19.40
CA ASN L 51 30.48 3.70 20.63
C ASN L 51 29.15 2.97 20.78
N THR L 52 28.33 2.94 19.72
CA THR L 52 27.04 2.25 19.70
C THR L 52 27.24 0.74 19.93
N LEU L 53 28.29 0.18 19.32
CA LEU L 53 28.59 -1.24 19.39
C LEU L 53 29.36 -1.71 20.63
N GLY L 54 30.02 -0.77 21.32
CA GLY L 54 30.86 -1.04 22.48
C GLY L 54 32.13 -1.74 22.04
N LEU L 55 32.60 -1.38 20.84
CA LEU L 55 33.79 -1.98 20.25
C LEU L 55 34.87 -0.94 20.03
N ASP L 56 36.07 -1.25 20.48
CA ASP L 56 37.28 -0.44 20.38
C ASP L 56 37.74 -0.39 18.91
N ILE L 57 38.02 0.83 18.38
CA ILE L 57 38.50 0.98 17.00
C ILE L 57 39.83 0.29 16.77
N GLU L 58 40.81 0.49 17.67
CA GLU L 58 42.13 -0.15 17.52
C GLU L 58 42.02 -1.65 17.28
N THR L 59 41.25 -2.33 18.14
CA THR L 59 41.08 -3.78 18.06
C THR L 59 40.26 -4.16 16.82
N ALA L 60 39.22 -3.38 16.50
CA ALA L 60 38.39 -3.64 15.32
C ALA L 60 39.24 -3.57 14.03
N THR L 61 40.19 -2.61 13.97
CA THR L 61 41.12 -2.42 12.85
C THR L 61 41.99 -3.68 12.64
N LEU L 62 42.53 -4.24 13.74
CA LEU L 62 43.37 -5.45 13.71
C LEU L 62 42.62 -6.67 13.18
N VAL L 63 41.34 -6.81 13.58
CA VAL L 63 40.51 -7.92 13.12
C VAL L 63 40.15 -7.70 11.64
N GLY L 64 39.82 -6.45 11.28
CA GLY L 64 39.49 -6.09 9.90
C GLY L 64 40.63 -6.41 8.95
N LYS L 65 41.87 -6.18 9.42
CA LYS L 65 43.11 -6.51 8.70
C LYS L 65 43.16 -7.99 8.40
N GLN L 66 42.82 -8.82 9.40
CA GLN L 66 42.81 -10.27 9.26
C GLN L 66 41.73 -10.74 8.29
N ILE L 67 40.54 -10.08 8.31
CA ILE L 67 39.45 -10.42 7.40
C ILE L 67 39.87 -10.05 5.97
N VAL L 68 40.43 -8.84 5.78
CA VAL L 68 40.91 -8.37 4.48
C VAL L 68 42.03 -9.27 3.94
N GLU L 69 43.01 -9.61 4.77
CA GLU L 69 44.09 -10.53 4.39
C GLU L 69 43.52 -11.86 3.88
N TRP L 70 42.51 -12.40 4.59
CA TRP L 70 41.84 -13.65 4.18
C TRP L 70 41.18 -13.50 2.81
N ILE L 71 40.51 -12.34 2.57
CA ILE L 71 39.87 -12.01 1.29
C ILE L 71 40.92 -11.89 0.18
N LEU L 72 42.02 -11.17 0.43
CA LEU L 72 43.11 -10.97 -0.53
C LEU L 72 43.86 -12.26 -0.89
N LYS L 73 44.00 -13.18 0.10
CA LYS L 73 44.64 -14.49 -0.14
C LYS L 73 43.70 -15.38 -0.97
N GLU L 74 42.36 -15.26 -0.72
CA GLU L 74 41.28 -16.03 -1.38
C GLU L 74 41.19 -15.90 -2.90
N GLU L 75 41.47 -14.70 -3.44
CA GLU L 75 41.44 -14.46 -4.88
C GLU L 75 42.81 -14.59 -5.55
C ACT M . -16.02 14.69 23.13
C ACT M . -15.37 15.09 24.49
O ACT M . -16.48 13.77 22.48
O ACT M . -15.05 14.70 25.61
OXT ACT M . -16.28 15.88 22.85
OXT ACT M . -15.16 16.30 24.14
CH3 ACT M . -15.07 14.36 24.30
CH3 ACT M . -16.05 14.13 23.50
C1 MLI N . 6.42 5.25 5.25
C2 MLI N . 5.39 4.39 4.55
C3 MLI N . 6.90 6.37 4.34
O6 MLI N . 4.52 4.93 3.85
O7 MLI N . 5.44 3.15 4.70
O8 MLI N . 6.38 6.51 3.21
O9 MLI N . 7.81 7.12 4.76
C1 MLI O . 16.60 -12.15 -22.97
C2 MLI O . 16.73 -13.12 -21.81
C3 MLI O . 15.34 -11.32 -22.86
O6 MLI O . 15.72 -13.48 -21.15
O7 MLI O . 17.88 -13.55 -21.55
O8 MLI O . 14.23 -11.91 -22.86
O9 MLI O . 15.45 -10.09 -22.75
NA NA P . 20.11 -9.47 -2.03
C1 MLI Q . -18.96 7.16 -17.00
C2 MLI Q . -19.00 8.46 -16.23
C3 MLI Q . -18.81 6.01 -16.04
O6 MLI Q . -17.94 8.87 -15.72
O7 MLI Q . -20.09 9.07 -16.14
O8 MLI Q . -19.61 5.91 -15.08
O9 MLI Q . -17.87 5.20 -16.23
C ACT R . -14.21 10.72 -25.02
O ACT R . -13.48 10.63 -26.04
OXT ACT R . -15.16 9.96 -24.86
CH3 ACT R . -13.99 11.81 -23.97
C ACT S . 20.46 -8.06 -30.86
O ACT S . 21.30 -8.23 -31.82
OXT ACT S . 19.95 -6.96 -30.51
CH3 ACT S . 20.01 -9.25 -30.07
C1 MLI T . -15.28 19.91 15.66
C2 MLI T . -16.31 19.13 14.90
C3 MLI T . -14.56 20.89 14.74
O6 MLI T . -16.03 17.98 14.52
O7 MLI T . -17.42 19.67 14.67
O8 MLI T . -15.14 21.28 13.70
O9 MLI T . -13.40 21.26 15.07
C ACT U . 6.18 1.44 13.89
C ACT U . 6.21 3.24 16.01
O ACT U . 6.59 0.42 13.37
O ACT U . 6.10 4.48 15.87
OXT ACT U . 5.22 2.05 13.43
OXT ACT U . 6.29 2.83 17.19
CH3 ACT U . 6.89 2.00 15.09
CH3 ACT U . 6.26 2.31 14.84
NA NA V . 43.05 17.49 -6.70
NA NA W . -43.96 -25.75 26.17
C1 MLI X . -23.66 -28.63 21.19
C2 MLI X . -23.15 -27.23 21.36
C3 MLI X . -23.80 -29.23 22.56
O6 MLI X . -23.86 -26.42 22.00
O7 MLI X . -22.05 -26.93 20.87
O8 MLI X . -23.06 -28.80 23.48
O9 MLI X . -24.65 -30.13 22.70
NA NA Y . 21.55 -10.60 17.58
C1 MLI Z . 31.97 4.94 6.75
C2 MLI Z . 32.98 3.81 6.86
C3 MLI Z . 30.82 4.77 7.72
O6 MLI Z . 32.93 3.02 7.83
O7 MLI Z . 33.82 3.71 5.96
O8 MLI Z . 31.08 4.56 8.93
O9 MLI Z . 29.65 4.89 7.29
#